data_6HJF
#
_entry.id   6HJF
#
_cell.length_a   129.666
_cell.length_b   90.841
_cell.length_c   85.919
_cell.angle_alpha   90.00
_cell.angle_beta   126.29
_cell.angle_gamma   90.00
#
_symmetry.space_group_name_H-M   'C 1 2 1'
#
loop_
_entity.id
_entity.type
_entity.pdbx_description
1 polymer 'Proline racemase A'
2 non-polymer 'LAEVULINIC ACID'
3 water water
#
_entity_poly.entity_id   1
_entity_poly.type   'polypeptide(L)'
_entity_poly.pdbx_seq_one_letter_code
;MGQEKLLFDQKYKIIKGEKKEKKKNQRANRREHQQKREIMRFKKSFTCIDMHTEGEAARIVTSGLPHIPGSNMAEKKAYL
QENMDYLRRGIMLEPRGHDDMFGAFLFDPIEEGADLGIVFMDTGGYLNMCGHNSIAAVTAAVETGIVSVPAKATNVPVVL
DTPAGLVRGTAHLQSGTESEVSNASIINVPSFLYQQDVVVVLPKPYGEVRVDIAFGGNFFAIVPAEQLGIDISVQNLSRL
QEAGELLRTEINRSVKVQHPQLPHINTVDCVEIYGPPTNPEANYKNVVIFGNRQADRSPCGTGTSAKMATLYAKGQLRIG
ETFVYESILGSLFQGRVLGEERIPGVKVPVTKDAEEGMLVVTAEITGKAFIMGFNTMLFDPTDPFKNGFTLKQYIWSSSV
DKLAAALEHHHHHH
;
_entity_poly.pdbx_strand_id   A,B
#
loop_
_chem_comp.id
_chem_comp.type
_chem_comp.name
_chem_comp.formula
SHF non-polymer 'LAEVULINIC ACID' 'C5 H8 O3'
#
# COMPACT_ATOMS: atom_id res chain seq x y z
N MET A 40 -19.98 8.02 17.98
CA MET A 40 -19.19 9.13 17.38
C MET A 40 -18.02 8.60 16.55
N ARG A 41 -17.27 7.65 17.13
CA ARG A 41 -16.04 7.13 16.49
C ARG A 41 -16.33 6.54 15.10
N PHE A 42 -17.50 5.91 14.96
CA PHE A 42 -17.90 5.26 13.71
C PHE A 42 -18.70 6.17 12.77
N LYS A 43 -18.90 7.43 13.17
CA LYS A 43 -19.46 8.46 12.28
C LYS A 43 -18.60 8.60 11.02
N LYS A 44 -19.26 8.62 9.87
CA LYS A 44 -18.60 8.70 8.58
C LYS A 44 -17.69 7.49 8.28
N SER A 45 -17.80 6.39 9.01
CA SER A 45 -17.01 5.19 8.68
C SER A 45 -17.55 4.47 7.44
N PHE A 46 -16.82 3.50 6.94
CA PHE A 46 -17.25 2.67 5.81
C PHE A 46 -16.92 1.21 6.10
N THR A 47 -17.79 0.28 5.71
CA THR A 47 -17.45 -1.12 5.79
C THR A 47 -17.05 -1.59 4.42
N CYS A 48 -16.03 -2.42 4.37
CA CYS A 48 -15.51 -2.99 3.12
CA CYS A 48 -15.65 -3.01 3.11
C CYS A 48 -15.29 -4.49 3.22
N ILE A 49 -15.43 -5.16 2.08
CA ILE A 49 -14.94 -6.50 1.90
C ILE A 49 -13.70 -6.29 1.04
N ASP A 50 -12.54 -6.49 1.62
CA ASP A 50 -11.27 -6.36 0.88
C ASP A 50 -11.00 -7.68 0.16
N MET A 51 -10.98 -7.61 -1.16
CA MET A 51 -10.78 -8.80 -1.98
C MET A 51 -9.45 -8.59 -2.72
N HIS A 52 -8.88 -9.65 -3.26
CA HIS A 52 -7.92 -9.47 -4.34
C HIS A 52 -8.18 -10.53 -5.39
N THR A 53 -7.86 -10.18 -6.62
CA THR A 53 -8.00 -11.06 -7.76
C THR A 53 -6.62 -11.32 -8.30
N GLU A 54 -6.06 -12.46 -7.92
CA GLU A 54 -4.71 -12.84 -8.36
C GLU A 54 -3.64 -11.74 -8.13
N GLY A 55 -3.76 -11.05 -6.97
CA GLY A 55 -2.76 -10.11 -6.54
C GLY A 55 -3.25 -8.68 -6.56
N GLU A 56 -4.30 -8.42 -7.30
CA GLU A 56 -4.81 -7.05 -7.51
C GLU A 56 -5.96 -6.78 -6.55
N ALA A 57 -5.81 -5.75 -5.75
CA ALA A 57 -6.81 -5.40 -4.74
C ALA A 57 -8.16 -5.01 -5.34
N ALA A 58 -9.23 -5.36 -4.62
CA ALA A 58 -10.55 -4.80 -4.88
C ALA A 58 -11.20 -4.54 -3.53
N ARG A 59 -11.13 -3.29 -3.10
CA ARG A 59 -11.75 -2.84 -1.86
C ARG A 59 -13.22 -2.50 -2.14
N ILE A 60 -14.11 -3.42 -1.75
CA ILE A 60 -15.50 -3.33 -2.11
C ILE A 60 -16.26 -2.72 -0.94
N VAL A 61 -16.66 -1.48 -1.09
CA VAL A 61 -17.37 -0.72 -0.05
C VAL A 61 -18.84 -1.11 -0.02
N THR A 62 -19.26 -1.71 1.10
CA THR A 62 -20.58 -2.25 1.24
C THR A 62 -21.55 -1.36 2.03
N SER A 63 -21.06 -0.45 2.86
CA SER A 63 -21.92 0.51 3.57
C SER A 63 -21.15 1.75 3.97
N GLY A 64 -21.88 2.83 4.21
CA GLY A 64 -21.31 4.08 4.67
C GLY A 64 -21.63 5.30 3.82
N LEU A 65 -22.00 5.10 2.55
CA LEU A 65 -22.36 6.24 1.71
C LEU A 65 -23.75 6.75 2.08
N PRO A 66 -23.93 8.07 1.98
CA PRO A 66 -25.30 8.55 2.00
C PRO A 66 -25.96 8.28 0.64
N HIS A 67 -27.21 8.69 0.48
CA HIS A 67 -27.85 8.60 -0.81
C HIS A 67 -26.99 9.37 -1.80
N ILE A 68 -26.78 8.80 -2.97
CA ILE A 68 -26.02 9.45 -4.03
C ILE A 68 -26.99 9.71 -5.18
N PRO A 69 -27.30 10.99 -5.44
CA PRO A 69 -28.20 11.29 -6.56
C PRO A 69 -27.67 10.81 -7.91
N GLY A 70 -28.58 10.28 -8.70
CA GLY A 70 -28.29 9.86 -10.06
C GLY A 70 -29.29 8.81 -10.47
N SER A 71 -29.80 8.88 -11.69
CA SER A 71 -30.81 7.93 -12.14
C SER A 71 -30.22 6.68 -12.81
N ASN A 72 -28.90 6.63 -12.94
CA ASN A 72 -28.20 5.41 -13.36
C ASN A 72 -26.80 5.39 -12.74
N MET A 73 -26.03 4.35 -12.98
CA MET A 73 -24.73 4.23 -12.30
C MET A 73 -23.72 5.24 -12.80
N ALA A 74 -23.78 5.57 -14.07
CA ALA A 74 -22.89 6.58 -14.66
C ALA A 74 -23.06 7.95 -13.98
N GLU A 75 -24.30 8.27 -13.66
CA GLU A 75 -24.64 9.51 -13.02
C GLU A 75 -24.18 9.53 -11.58
N LYS A 76 -24.31 8.40 -10.89
CA LYS A 76 -23.84 8.30 -9.50
C LYS A 76 -22.32 8.44 -9.48
N LYS A 77 -21.65 7.81 -10.44
CA LYS A 77 -20.20 7.95 -10.58
C LYS A 77 -19.79 9.43 -10.78
N ALA A 78 -20.48 10.11 -11.71
CA ALA A 78 -20.25 11.54 -11.91
C ALA A 78 -20.52 12.35 -10.63
N TYR A 79 -21.57 12.01 -9.89
CA TYR A 79 -21.86 12.74 -8.63
C TYR A 79 -20.69 12.61 -7.65
N LEU A 80 -20.25 11.37 -7.43
CA LEU A 80 -19.12 11.10 -6.55
C LEU A 80 -17.90 11.86 -6.97
N GLN A 81 -17.59 11.81 -8.27
CA GLN A 81 -16.41 12.46 -8.77
C GLN A 81 -16.46 14.00 -8.63
N GLU A 82 -17.62 14.57 -8.88
CA GLU A 82 -17.78 16.04 -8.86
C GLU A 82 -17.94 16.62 -7.47
N ASN A 83 -18.56 15.87 -6.56
CA ASN A 83 -18.97 16.39 -5.26
C ASN A 83 -18.37 15.71 -4.03
N MET A 84 -17.91 14.46 -4.18
CA MET A 84 -17.42 13.68 -3.02
C MET A 84 -16.12 12.92 -3.30
N ASP A 85 -15.22 13.52 -4.07
CA ASP A 85 -13.98 12.85 -4.50
C ASP A 85 -13.01 12.58 -3.38
N TYR A 86 -13.12 13.37 -2.31
CA TYR A 86 -12.33 13.16 -1.11
C TYR A 86 -12.60 11.75 -0.53
N LEU A 87 -13.77 11.17 -0.78
CA LEU A 87 -14.07 9.82 -0.29
C LEU A 87 -13.16 8.80 -0.97
N ARG A 88 -13.16 8.82 -2.31
CA ARG A 88 -12.21 7.99 -3.09
C ARG A 88 -10.79 8.14 -2.55
N ARG A 89 -10.34 9.38 -2.37
CA ARG A 89 -8.97 9.59 -1.95
C ARG A 89 -8.68 9.03 -0.57
N GLY A 90 -9.62 9.15 0.36
CA GLY A 90 -9.44 8.61 1.72
C GLY A 90 -9.47 7.07 1.77
N ILE A 91 -10.22 6.47 0.88
CA ILE A 91 -10.41 5.01 0.82
C ILE A 91 -9.29 4.32 0.02
N MET A 92 -8.84 4.95 -1.07
CA MET A 92 -7.81 4.40 -1.95
C MET A 92 -6.36 4.66 -1.55
N LEU A 93 -6.10 5.81 -0.95
CA LEU A 93 -4.71 6.27 -0.79
C LEU A 93 -4.21 5.97 0.61
N GLU A 94 -2.88 5.94 0.77
CA GLU A 94 -2.29 5.97 2.09
C GLU A 94 -2.98 7.02 3.00
N PRO A 95 -3.09 6.74 4.32
CA PRO A 95 -2.55 5.56 5.01
C PRO A 95 -3.48 4.33 4.96
N ARG A 96 -4.74 4.49 4.54
CA ARG A 96 -5.72 3.37 4.58
C ARG A 96 -5.56 2.49 3.37
N GLY A 97 -5.02 3.05 2.28
CA GLY A 97 -4.76 2.32 1.06
C GLY A 97 -3.31 2.52 0.65
N HIS A 98 -3.07 2.60 -0.65
CA HIS A 98 -1.71 2.80 -1.16
C HIS A 98 -1.77 3.15 -2.66
N ASP A 99 -0.60 3.39 -3.24
CA ASP A 99 -0.51 3.88 -4.61
C ASP A 99 -0.99 2.90 -5.69
N ASP A 100 -1.32 1.65 -5.35
CA ASP A 100 -1.79 0.68 -6.33
C ASP A 100 -3.08 -0.01 -5.86
N MET A 101 -3.77 0.67 -4.96
CA MET A 101 -5.08 0.23 -4.51
C MET A 101 -6.16 0.45 -5.56
N PHE A 102 -7.20 -0.36 -5.47
CA PHE A 102 -8.33 -0.23 -6.36
C PHE A 102 -9.56 -0.64 -5.60
N GLY A 103 -10.71 -0.08 -5.96
CA GLY A 103 -11.94 -0.57 -5.33
C GLY A 103 -13.23 -0.13 -5.96
N ALA A 104 -14.34 -0.25 -5.22
CA ALA A 104 -15.64 0.05 -5.73
C ALA A 104 -16.63 0.35 -4.63
N PHE A 105 -17.63 1.18 -4.96
CA PHE A 105 -18.83 1.31 -4.13
C PHE A 105 -19.96 0.46 -4.70
N LEU A 106 -20.58 -0.33 -3.84
CA LEU A 106 -21.81 -1.00 -4.17
C LEU A 106 -23.05 -0.13 -3.94
N PHE A 107 -24.03 -0.34 -4.80
CA PHE A 107 -25.33 0.33 -4.74
C PHE A 107 -26.43 -0.69 -5.02
N ASP A 108 -27.65 -0.34 -4.66
CA ASP A 108 -28.80 -1.07 -5.18
C ASP A 108 -28.76 -0.98 -6.73
N PRO A 109 -29.11 -2.06 -7.42
CA PRO A 109 -29.16 -2.05 -8.87
C PRO A 109 -30.30 -1.18 -9.35
N ILE A 110 -30.06 -0.48 -10.45
CA ILE A 110 -31.11 0.30 -11.09
C ILE A 110 -31.58 -0.44 -12.33
N GLU A 111 -30.65 -0.89 -13.17
CA GLU A 111 -31.01 -1.47 -14.47
C GLU A 111 -31.70 -2.82 -14.27
N GLU A 112 -32.73 -3.05 -15.08
CA GLU A 112 -33.55 -4.24 -14.99
C GLU A 112 -32.72 -5.49 -15.16
N GLY A 113 -32.88 -6.46 -14.27
CA GLY A 113 -32.15 -7.71 -14.37
C GLY A 113 -30.83 -7.76 -13.61
N ALA A 114 -30.45 -6.65 -12.98
CA ALA A 114 -29.19 -6.59 -12.27
C ALA A 114 -29.37 -6.92 -10.80
N ASP A 115 -28.32 -7.47 -10.20
CA ASP A 115 -28.31 -7.83 -8.79
C ASP A 115 -27.69 -6.73 -7.94
N LEU A 116 -26.69 -6.03 -8.49
CA LEU A 116 -25.90 -5.04 -7.75
C LEU A 116 -25.50 -3.92 -8.67
N GLY A 117 -25.57 -2.68 -8.15
CA GLY A 117 -24.95 -1.54 -8.78
C GLY A 117 -23.52 -1.43 -8.28
N ILE A 118 -22.65 -0.93 -9.14
CA ILE A 118 -21.27 -0.78 -8.76
C ILE A 118 -20.65 0.39 -9.49
N VAL A 119 -19.89 1.16 -8.75
CA VAL A 119 -19.08 2.22 -9.28
C VAL A 119 -17.61 1.99 -8.87
N PHE A 120 -16.71 1.95 -9.85
CA PHE A 120 -15.31 1.60 -9.64
C PHE A 120 -14.52 2.87 -9.35
N MET A 121 -13.47 2.70 -8.56
CA MET A 121 -12.57 3.78 -8.24
C MET A 121 -11.10 3.35 -8.15
N ASP A 122 -10.19 4.31 -8.30
CA ASP A 122 -8.77 4.02 -8.20
C ASP A 122 -7.98 5.23 -7.65
N THR A 123 -6.66 5.23 -7.80
CA THR A 123 -5.80 6.27 -7.20
C THR A 123 -5.86 7.57 -7.98
N GLY A 124 -6.41 7.52 -9.19
CA GLY A 124 -6.61 8.74 -10.02
C GLY A 124 -8.04 9.16 -10.26
N GLY A 125 -8.96 8.20 -10.35
CA GLY A 125 -10.34 8.50 -10.69
C GLY A 125 -11.25 7.30 -10.73
N TYR A 126 -12.14 7.28 -11.73
CA TYR A 126 -13.24 6.31 -11.75
C TYR A 126 -13.37 5.67 -13.13
N LEU A 127 -13.03 4.39 -13.24
CA LEU A 127 -13.20 3.69 -14.52
C LEU A 127 -14.66 3.26 -14.74
N ASN A 128 -15.09 3.30 -16.00
CA ASN A 128 -16.42 2.88 -16.35
C ASN A 128 -16.63 1.38 -16.18
N MET A 129 -15.57 0.60 -16.25
CA MET A 129 -15.63 -0.81 -15.98
C MET A 129 -14.32 -1.37 -15.48
N CYS A 130 -14.39 -2.48 -14.74
CA CYS A 130 -13.16 -3.11 -14.33
C CYS A 130 -13.38 -4.60 -14.22
N GLY A 131 -12.58 -5.34 -14.97
CA GLY A 131 -12.69 -6.79 -15.02
C GLY A 131 -12.34 -7.49 -13.73
N HIS A 132 -11.18 -7.18 -13.16
CA HIS A 132 -10.76 -7.85 -11.95
C HIS A 132 -11.72 -7.50 -10.80
N ASN A 133 -12.18 -6.27 -10.73
CA ASN A 133 -13.08 -5.87 -9.61
C ASN A 133 -14.46 -6.49 -9.82
N SER A 134 -14.86 -6.73 -11.07
CA SER A 134 -16.14 -7.37 -11.32
C SER A 134 -16.06 -8.86 -10.90
N ILE A 135 -14.95 -9.50 -11.25
CA ILE A 135 -14.68 -10.87 -10.82
C ILE A 135 -14.73 -10.92 -9.29
N ALA A 136 -14.08 -9.97 -8.64
CA ALA A 136 -14.11 -9.94 -7.16
C ALA A 136 -15.51 -9.72 -6.61
N ALA A 137 -16.29 -8.85 -7.25
CA ALA A 137 -17.64 -8.51 -6.77
C ALA A 137 -18.58 -9.68 -6.92
N VAL A 138 -18.46 -10.40 -8.04
CA VAL A 138 -19.27 -11.62 -8.24
C VAL A 138 -18.96 -12.64 -7.17
N THR A 139 -17.66 -12.81 -6.92
CA THR A 139 -17.19 -13.73 -5.91
C THR A 139 -17.67 -13.31 -4.51
N ALA A 140 -17.49 -12.05 -4.17
CA ALA A 140 -17.90 -11.55 -2.85
C ALA A 140 -19.40 -11.68 -2.65
N ALA A 141 -20.18 -11.41 -3.70
CA ALA A 141 -21.66 -11.46 -3.59
C ALA A 141 -22.14 -12.83 -3.13
N VAL A 142 -21.59 -13.88 -3.73
CA VAL A 142 -21.95 -15.25 -3.37
C VAL A 142 -21.37 -15.67 -2.01
N GLU A 143 -20.07 -15.44 -1.82
CA GLU A 143 -19.41 -15.92 -0.60
C GLU A 143 -19.89 -15.23 0.66
N THR A 144 -20.35 -13.98 0.56
CA THR A 144 -20.86 -13.29 1.74
C THR A 144 -22.38 -13.19 1.79
N GLY A 145 -23.07 -13.88 0.88
CA GLY A 145 -24.52 -13.96 0.91
C GLY A 145 -25.30 -12.75 0.46
N ILE A 146 -24.69 -11.87 -0.33
CA ILE A 146 -25.46 -10.77 -0.91
C ILE A 146 -26.49 -11.33 -1.90
N VAL A 147 -26.11 -12.37 -2.62
CA VAL A 147 -26.99 -13.10 -3.52
C VAL A 147 -27.24 -14.50 -2.92
N SER A 148 -28.43 -15.04 -3.14
CA SER A 148 -28.74 -16.38 -2.65
C SER A 148 -28.24 -17.42 -3.64
N VAL A 149 -27.78 -18.55 -3.11
CA VAL A 149 -27.40 -19.69 -3.90
C VAL A 149 -28.59 -20.66 -3.96
N PRO A 150 -29.20 -20.83 -5.14
CA PRO A 150 -30.31 -21.79 -5.24
C PRO A 150 -29.92 -23.20 -4.81
N ALA A 151 -30.89 -23.95 -4.31
CA ALA A 151 -30.66 -25.31 -3.85
C ALA A 151 -29.89 -26.14 -4.89
N LYS A 152 -28.79 -26.73 -4.46
CA LYS A 152 -28.00 -27.67 -5.25
C LYS A 152 -27.21 -27.05 -6.42
N ALA A 153 -27.21 -25.72 -6.55
CA ALA A 153 -26.58 -25.07 -7.71
C ALA A 153 -25.07 -25.27 -7.74
N THR A 154 -24.52 -25.34 -8.95
CA THR A 154 -23.08 -25.39 -9.21
C THR A 154 -22.56 -24.07 -9.80
N ASN A 155 -23.47 -23.22 -10.27
CA ASN A 155 -23.11 -21.97 -10.90
C ASN A 155 -24.15 -20.97 -10.49
N VAL A 156 -23.72 -19.76 -10.13
CA VAL A 156 -24.64 -18.77 -9.63
C VAL A 156 -24.48 -17.47 -10.43
N PRO A 157 -25.55 -17.02 -11.09
CA PRO A 157 -25.40 -15.76 -11.82
C PRO A 157 -25.42 -14.55 -10.87
N VAL A 158 -24.56 -13.58 -11.17
CA VAL A 158 -24.54 -12.31 -10.47
C VAL A 158 -24.41 -11.24 -11.54
N VAL A 159 -25.45 -10.43 -11.74
CA VAL A 159 -25.43 -9.41 -12.78
C VAL A 159 -25.12 -8.02 -12.18
N LEU A 160 -24.11 -7.36 -12.75
CA LEU A 160 -23.63 -6.08 -12.28
C LEU A 160 -24.09 -4.96 -13.21
N ASP A 161 -24.69 -3.96 -12.60
CA ASP A 161 -25.11 -2.72 -13.23
C ASP A 161 -23.95 -1.73 -13.03
N THR A 162 -23.19 -1.49 -14.10
CA THR A 162 -21.98 -0.67 -14.08
C THR A 162 -22.14 0.58 -14.93
N PRO A 163 -21.22 1.54 -14.80
CA PRO A 163 -21.32 2.73 -15.63
C PRO A 163 -21.18 2.45 -17.13
N ALA A 164 -20.60 1.31 -17.48
CA ALA A 164 -20.41 0.92 -18.88
C ALA A 164 -21.54 0.06 -19.41
N GLY A 165 -22.49 -0.34 -18.57
CA GLY A 165 -23.55 -1.25 -18.98
C GLY A 165 -23.62 -2.49 -18.11
N LEU A 166 -24.44 -3.43 -18.52
CA LEU A 166 -24.68 -4.62 -17.73
C LEU A 166 -23.58 -5.60 -17.93
N VAL A 167 -23.08 -6.13 -16.83
CA VAL A 167 -22.04 -7.14 -16.88
C VAL A 167 -22.57 -8.40 -16.20
N ARG A 168 -22.73 -9.46 -16.99
CA ARG A 168 -23.31 -10.71 -16.53
C ARG A 168 -22.24 -11.65 -16.00
N GLY A 169 -22.24 -11.81 -14.68
CA GLY A 169 -21.25 -12.63 -14.03
C GLY A 169 -21.81 -13.97 -13.65
N THR A 170 -20.90 -14.93 -13.56
CA THR A 170 -21.21 -16.24 -13.03
C THR A 170 -20.16 -16.69 -12.02
N ALA A 171 -20.60 -17.02 -10.80
CA ALA A 171 -19.72 -17.62 -9.81
C ALA A 171 -19.77 -19.12 -10.01
N HIS A 172 -18.60 -19.74 -10.24
CA HIS A 172 -18.49 -21.18 -10.42
C HIS A 172 -18.14 -21.80 -9.06
N LEU A 173 -19.06 -22.60 -8.50
CA LEU A 173 -18.91 -23.05 -7.11
C LEU A 173 -17.98 -24.23 -7.01
N GLN A 174 -17.28 -24.33 -5.89
CA GLN A 174 -16.42 -25.49 -5.60
C GLN A 174 -17.33 -26.67 -5.22
N SER A 175 -17.25 -27.77 -5.96
CA SER A 175 -18.11 -28.93 -5.71
C SER A 175 -18.04 -29.37 -4.25
N GLY A 176 -19.20 -29.69 -3.67
CA GLY A 176 -19.28 -30.10 -2.27
C GLY A 176 -19.66 -28.95 -1.36
N THR A 177 -19.05 -27.79 -1.56
CA THR A 177 -19.30 -26.62 -0.71
C THR A 177 -20.67 -26.03 -1.01
N GLU A 178 -21.17 -25.21 -0.09
CA GLU A 178 -22.45 -24.54 -0.27
C GLU A 178 -22.25 -23.30 -1.15
N SER A 179 -21.21 -22.53 -0.84
CA SER A 179 -21.00 -21.23 -1.49
C SER A 179 -19.54 -20.78 -1.56
N GLU A 180 -18.60 -21.71 -1.57
CA GLU A 180 -17.21 -21.37 -1.83
C GLU A 180 -17.06 -21.31 -3.35
N VAL A 181 -16.47 -20.21 -3.83
CA VAL A 181 -16.40 -19.95 -5.27
C VAL A 181 -15.03 -20.36 -5.76
N SER A 182 -15.00 -21.17 -6.81
CA SER A 182 -13.77 -21.67 -7.35
C SER A 182 -13.13 -20.63 -8.26
N ASN A 183 -13.96 -20.01 -9.10
CA ASN A 183 -13.53 -18.92 -9.96
C ASN A 183 -14.79 -18.26 -10.44
N ALA A 184 -14.66 -17.12 -11.12
CA ALA A 184 -15.81 -16.41 -11.58
C ALA A 184 -15.51 -15.88 -12.99
N SER A 185 -16.55 -15.90 -13.83
CA SER A 185 -16.51 -15.43 -15.19
C SER A 185 -17.39 -14.21 -15.30
N ILE A 186 -17.01 -13.30 -16.17
CA ILE A 186 -17.86 -12.19 -16.51
C ILE A 186 -17.95 -12.08 -18.02
N ILE A 187 -19.17 -11.86 -18.48
CA ILE A 187 -19.42 -11.51 -19.85
C ILE A 187 -19.43 -10.00 -19.88
N ASN A 188 -18.43 -9.45 -20.55
CA ASN A 188 -18.26 -8.03 -20.60
C ASN A 188 -19.25 -7.32 -21.54
N VAL A 189 -19.37 -6.01 -21.36
CA VAL A 189 -20.09 -5.17 -22.31
C VAL A 189 -19.37 -5.29 -23.68
N PRO A 190 -20.03 -4.89 -24.78
CA PRO A 190 -19.40 -5.07 -26.08
C PRO A 190 -18.05 -4.36 -26.26
N SER A 191 -17.13 -5.10 -26.85
CA SER A 191 -15.79 -4.66 -27.04
C SER A 191 -15.49 -4.43 -28.51
N PHE A 192 -14.55 -3.57 -28.81
CA PHE A 192 -14.24 -3.35 -30.23
C PHE A 192 -12.91 -2.68 -30.43
N LEU A 193 -12.25 -3.05 -31.53
CA LEU A 193 -11.13 -2.27 -32.05
C LEU A 193 -11.73 -0.94 -32.55
N TYR A 194 -11.06 0.17 -32.27
CA TYR A 194 -11.62 1.49 -32.54
C TYR A 194 -10.83 2.20 -33.64
N GLN A 195 -9.52 2.19 -33.49
CA GLN A 195 -8.61 2.85 -34.41
C GLN A 195 -7.26 2.15 -34.38
N GLN A 196 -6.68 1.98 -35.57
CA GLN A 196 -5.49 1.17 -35.74
C GLN A 196 -4.25 2.00 -36.09
N ASP A 197 -3.08 1.52 -35.70
CA ASP A 197 -1.80 2.16 -36.07
C ASP A 197 -1.78 3.66 -35.83
N VAL A 198 -2.17 4.08 -34.63
CA VAL A 198 -2.13 5.48 -34.25
C VAL A 198 -0.71 5.87 -33.81
N VAL A 199 -0.07 6.78 -34.54
CA VAL A 199 1.27 7.25 -34.16
C VAL A 199 1.20 8.31 -33.04
N VAL A 200 1.90 8.03 -31.94
CA VAL A 200 1.97 8.94 -30.80
C VAL A 200 3.44 9.31 -30.59
N VAL A 201 3.70 10.61 -30.43
CA VAL A 201 5.06 11.07 -30.24
C VAL A 201 5.28 11.41 -28.78
N LEU A 202 6.13 10.62 -28.14
CA LEU A 202 6.48 10.81 -26.74
C LEU A 202 7.89 11.38 -26.64
N PRO A 203 8.20 12.06 -25.52
CA PRO A 203 9.58 12.48 -25.24
C PRO A 203 10.58 11.32 -25.22
N LYS A 204 11.86 11.65 -25.30
CA LYS A 204 12.92 10.65 -25.17
C LYS A 204 12.86 10.00 -23.78
N PRO A 205 13.31 8.74 -23.66
CA PRO A 205 13.91 7.89 -24.68
C PRO A 205 12.89 7.09 -25.50
N TYR A 206 11.64 7.51 -25.49
CA TYR A 206 10.56 6.73 -26.11
C TYR A 206 10.29 7.19 -27.54
N GLY A 207 10.23 8.50 -27.75
CA GLY A 207 10.05 9.05 -29.09
C GLY A 207 8.70 8.69 -29.69
N GLU A 208 8.72 8.21 -30.93
CA GLU A 208 7.51 7.92 -31.68
C GLU A 208 7.09 6.47 -31.49
N VAL A 209 5.81 6.26 -31.18
CA VAL A 209 5.25 4.90 -31.01
C VAL A 209 3.96 4.73 -31.82
N ARG A 210 3.67 3.49 -32.16
CA ARG A 210 2.47 3.10 -32.89
C ARG A 210 1.57 2.26 -31.98
N VAL A 211 0.33 2.71 -31.76
CA VAL A 211 -0.59 2.00 -30.85
C VAL A 211 -1.93 1.74 -31.55
N ASP A 212 -2.68 0.77 -31.01
CA ASP A 212 -4.08 0.59 -31.37
C ASP A 212 -4.94 1.13 -30.25
N ILE A 213 -6.08 1.69 -30.60
CA ILE A 213 -7.08 2.09 -29.64
C ILE A 213 -8.23 1.11 -29.72
N ALA A 214 -8.65 0.59 -28.57
CA ALA A 214 -9.72 -0.40 -28.53
C ALA A 214 -10.53 -0.23 -27.26
N PHE A 215 -11.82 -0.53 -27.35
CA PHE A 215 -12.68 -0.47 -26.21
C PHE A 215 -12.94 -1.87 -25.60
N GLY A 216 -12.71 -1.96 -24.31
CA GLY A 216 -13.02 -3.18 -23.58
C GLY A 216 -13.82 -2.94 -22.31
N GLY A 217 -14.59 -1.84 -22.26
CA GLY A 217 -15.29 -1.40 -21.03
C GLY A 217 -14.69 -0.06 -20.60
N ASN A 218 -13.39 0.08 -20.89
CA ASN A 218 -12.69 1.36 -20.93
C ASN A 218 -12.02 1.43 -22.28
N PHE A 219 -11.71 2.64 -22.75
CA PHE A 219 -10.81 2.76 -23.88
C PHE A 219 -9.37 2.51 -23.45
N PHE A 220 -8.69 1.71 -24.26
CA PHE A 220 -7.29 1.38 -24.09
C PHE A 220 -6.50 1.87 -25.28
N ALA A 221 -5.27 2.32 -25.02
CA ALA A 221 -4.22 2.32 -26.02
C ALA A 221 -3.38 1.08 -25.79
N ILE A 222 -3.31 0.21 -26.80
CA ILE A 222 -2.57 -1.05 -26.72
C ILE A 222 -1.27 -0.90 -27.49
N VAL A 223 -0.16 -1.22 -26.82
CA VAL A 223 1.18 -0.93 -27.34
C VAL A 223 2.17 -2.05 -27.00
N PRO A 224 2.99 -2.47 -27.98
CA PRO A 224 3.98 -3.46 -27.64
C PRO A 224 5.09 -2.87 -26.80
N ALA A 225 5.49 -3.57 -25.75
CA ALA A 225 6.63 -3.14 -24.91
C ALA A 225 7.90 -2.91 -25.76
N GLU A 226 8.07 -3.76 -26.76
CA GLU A 226 9.15 -3.63 -27.74
C GLU A 226 9.28 -2.19 -28.23
N GLN A 227 8.15 -1.60 -28.62
CA GLN A 227 8.14 -0.23 -29.11
C GLN A 227 8.59 0.84 -28.12
N LEU A 228 8.54 0.53 -26.82
CA LEU A 228 8.95 1.49 -25.79
C LEU A 228 10.41 1.32 -25.42
N GLY A 229 11.03 0.25 -25.92
CA GLY A 229 12.43 -0.03 -25.68
C GLY A 229 12.69 -0.79 -24.39
N ILE A 230 11.62 -1.20 -23.69
CA ILE A 230 11.75 -1.86 -22.39
C ILE A 230 10.99 -3.17 -22.28
N ASP A 231 11.55 -4.09 -21.49
CA ASP A 231 10.96 -5.38 -21.19
C ASP A 231 9.87 -5.18 -20.14
N ILE A 232 8.84 -6.01 -20.16
CA ILE A 232 7.87 -6.06 -19.06
C ILE A 232 8.52 -6.91 -17.96
N SER A 233 9.01 -6.24 -16.92
CA SER A 233 9.70 -6.92 -15.83
C SER A 233 9.53 -6.04 -14.63
N VAL A 234 9.65 -6.61 -13.42
CA VAL A 234 9.53 -5.79 -12.21
C VAL A 234 10.60 -4.72 -12.18
N GLN A 235 11.77 -5.03 -12.74
CA GLN A 235 12.86 -4.08 -12.89
C GLN A 235 12.42 -2.79 -13.59
N ASN A 236 11.59 -2.93 -14.62
CA ASN A 236 11.18 -1.79 -15.48
C ASN A 236 9.84 -1.14 -15.09
N LEU A 237 9.27 -1.57 -13.97
CA LEU A 237 7.92 -1.16 -13.60
C LEU A 237 7.77 0.36 -13.50
N SER A 238 8.70 1.04 -12.83
CA SER A 238 8.65 2.50 -12.71
C SER A 238 8.63 3.15 -14.10
N ARG A 239 9.47 2.67 -14.99
CA ARG A 239 9.56 3.20 -16.34
C ARG A 239 8.28 2.91 -17.13
N LEU A 240 7.75 1.71 -16.96
CA LEU A 240 6.51 1.35 -17.63
C LEU A 240 5.38 2.27 -17.18
N GLN A 241 5.35 2.64 -15.89
CA GLN A 241 4.32 3.55 -15.39
C GLN A 241 4.47 4.93 -16.04
N GLU A 242 5.72 5.39 -16.10
CA GLU A 242 6.00 6.68 -16.71
C GLU A 242 5.55 6.66 -18.17
N ALA A 243 5.98 5.65 -18.92
CA ALA A 243 5.63 5.54 -20.34
C ALA A 243 4.12 5.48 -20.54
N GLY A 244 3.44 4.68 -19.71
CA GLY A 244 2.00 4.60 -19.81
C GLY A 244 1.29 5.91 -19.56
N GLU A 245 1.77 6.68 -18.59
CA GLU A 245 1.19 7.97 -18.28
C GLU A 245 1.44 8.95 -19.42
N LEU A 246 2.66 8.97 -19.93
CA LEU A 246 3.03 9.84 -21.05
C LEU A 246 2.13 9.56 -22.25
N LEU A 247 2.00 8.28 -22.58
CA LEU A 247 1.18 7.82 -23.70
C LEU A 247 -0.27 8.21 -23.53
N ARG A 248 -0.81 8.03 -22.32
CA ARG A 248 -2.19 8.38 -22.07
C ARG A 248 -2.43 9.89 -22.24
N THR A 249 -1.52 10.70 -21.71
CA THR A 249 -1.66 12.16 -21.78
C THR A 249 -1.63 12.65 -23.23
N GLU A 250 -0.65 12.15 -23.97
CA GLU A 250 -0.45 12.58 -25.34
C GLU A 250 -1.60 12.13 -26.24
N ILE A 251 -1.98 10.86 -26.14
CA ILE A 251 -3.14 10.31 -26.85
C ILE A 251 -4.40 11.16 -26.66
N ASN A 252 -4.71 11.49 -25.41
CA ASN A 252 -5.92 12.26 -25.12
C ASN A 252 -5.87 13.73 -25.59
N ARG A 253 -4.67 14.24 -25.84
CA ARG A 253 -4.53 15.58 -26.46
C ARG A 253 -4.73 15.49 -27.97
N SER A 254 -4.11 14.50 -28.59
CA SER A 254 -3.97 14.43 -30.03
C SER A 254 -5.01 13.57 -30.74
N VAL A 255 -5.76 12.73 -30.02
CA VAL A 255 -6.79 11.89 -30.62
C VAL A 255 -8.08 11.98 -29.84
N LYS A 256 -9.17 12.30 -30.53
CA LYS A 256 -10.47 12.35 -29.89
C LYS A 256 -11.13 10.99 -30.13
N VAL A 257 -11.58 10.38 -29.02
CA VAL A 257 -12.25 9.10 -29.08
C VAL A 257 -13.66 9.31 -28.55
N GLN A 258 -14.61 8.56 -29.08
CA GLN A 258 -15.99 8.67 -28.60
C GLN A 258 -16.63 7.32 -28.76
N HIS A 259 -17.09 6.74 -27.66
CA HIS A 259 -17.86 5.52 -27.71
C HIS A 259 -19.16 5.82 -28.44
N PRO A 260 -19.45 5.08 -29.53
CA PRO A 260 -20.62 5.43 -30.37
C PRO A 260 -22.00 5.22 -29.74
N GLN A 261 -22.11 4.37 -28.72
CA GLN A 261 -23.39 4.14 -28.03
C GLN A 261 -23.48 4.71 -26.59
N LEU A 262 -22.35 5.14 -26.03
CA LEU A 262 -22.31 5.70 -24.68
C LEU A 262 -21.64 7.07 -24.72
N PRO A 263 -22.45 8.14 -24.80
CA PRO A 263 -21.95 9.51 -24.89
C PRO A 263 -20.88 9.89 -23.85
N HIS A 264 -21.08 9.48 -22.60
CA HIS A 264 -20.15 9.88 -21.50
C HIS A 264 -18.71 9.31 -21.61
N ILE A 265 -18.49 8.33 -22.48
CA ILE A 265 -17.16 7.74 -22.60
C ILE A 265 -16.42 8.29 -23.81
N ASN A 266 -15.43 9.14 -23.55
CA ASN A 266 -14.74 9.91 -24.60
C ASN A 266 -13.29 10.25 -24.27
N THR A 267 -12.65 9.40 -23.47
CA THR A 267 -11.25 9.51 -23.12
C THR A 267 -10.63 8.12 -23.15
N VAL A 268 -9.32 8.04 -23.39
CA VAL A 268 -8.55 6.82 -23.25
C VAL A 268 -8.08 6.82 -21.80
N ASP A 269 -8.57 5.87 -20.99
CA ASP A 269 -8.26 5.87 -19.55
C ASP A 269 -7.13 4.93 -19.16
N CYS A 270 -6.76 4.03 -20.06
CA CYS A 270 -5.86 2.95 -19.71
C CYS A 270 -4.87 2.72 -20.84
N VAL A 271 -3.65 2.34 -20.47
CA VAL A 271 -2.64 1.91 -21.42
C VAL A 271 -2.20 0.48 -21.14
N GLU A 272 -2.30 -0.35 -22.16
CA GLU A 272 -1.96 -1.77 -22.07
C GLU A 272 -0.67 -2.01 -22.82
N ILE A 273 0.35 -2.43 -22.08
CA ILE A 273 1.69 -2.67 -22.62
C ILE A 273 1.90 -4.16 -22.65
N TYR A 274 2.12 -4.75 -23.83
CA TYR A 274 2.17 -6.20 -23.93
C TYR A 274 3.47 -6.73 -24.54
N GLY A 275 3.70 -8.02 -24.33
CA GLY A 275 4.93 -8.65 -24.76
C GLY A 275 4.82 -10.14 -24.74
N PRO A 276 5.93 -10.82 -25.06
CA PRO A 276 5.86 -12.28 -25.05
C PRO A 276 5.59 -12.83 -23.67
N PRO A 277 4.98 -14.01 -23.61
CA PRO A 277 4.69 -14.58 -22.31
C PRO A 277 5.93 -15.13 -21.62
N THR A 278 5.86 -15.24 -20.31
CA THR A 278 6.84 -16.00 -19.52
C THR A 278 6.28 -17.39 -19.22
N ASN A 279 5.00 -17.46 -18.85
CA ASN A 279 4.36 -18.74 -18.58
C ASN A 279 3.95 -19.41 -19.89
N PRO A 280 4.39 -20.68 -20.10
CA PRO A 280 4.02 -21.50 -21.26
C PRO A 280 2.53 -21.55 -21.59
N GLU A 281 1.68 -21.50 -20.57
CA GLU A 281 0.23 -21.57 -20.75
C GLU A 281 -0.36 -20.30 -21.37
N ALA A 282 0.39 -19.21 -21.33
CA ALA A 282 -0.13 -17.90 -21.72
C ALA A 282 0.22 -17.57 -23.16
N ASN A 283 -0.69 -16.87 -23.83
CA ASN A 283 -0.46 -16.33 -25.17
C ASN A 283 0.52 -15.14 -25.19
N TYR A 284 0.31 -14.20 -24.25
CA TYR A 284 1.11 -13.00 -24.11
C TYR A 284 1.11 -12.57 -22.63
N LYS A 285 1.96 -11.59 -22.32
CA LYS A 285 2.01 -10.93 -21.01
C LYS A 285 1.68 -9.48 -21.20
N ASN A 286 1.07 -8.85 -20.19
CA ASN A 286 0.91 -7.41 -20.26
C ASN A 286 0.95 -6.74 -18.91
N VAL A 287 1.14 -5.42 -18.91
CA VAL A 287 0.82 -4.59 -17.75
C VAL A 287 -0.03 -3.43 -18.21
N VAL A 288 -1.07 -3.11 -17.46
CA VAL A 288 -1.93 -1.98 -17.72
C VAL A 288 -1.61 -0.84 -16.72
N ILE A 289 -1.40 0.35 -17.29
CA ILE A 289 -1.14 1.55 -16.53
C ILE A 289 -2.39 2.42 -16.59
N PHE A 290 -2.81 2.93 -15.42
CA PHE A 290 -4.05 3.66 -15.27
C PHE A 290 -4.05 4.43 -13.94
N GLY A 291 -5.14 5.12 -13.62
CA GLY A 291 -5.22 5.86 -12.35
C GLY A 291 -4.11 6.90 -12.28
N ASN A 292 -3.54 7.15 -11.10
CA ASN A 292 -2.34 7.99 -10.99
C ASN A 292 -1.10 7.14 -11.26
N ARG A 293 -0.95 6.79 -12.54
CA ARG A 293 -0.01 5.83 -13.06
C ARG A 293 0.29 4.66 -12.13
N GLN A 294 -0.79 4.06 -11.64
CA GLN A 294 -0.70 2.77 -11.00
C GLN A 294 -0.66 1.66 -12.04
N ALA A 295 -0.31 0.46 -11.60
CA ALA A 295 -0.19 -0.69 -12.51
C ALA A 295 -1.07 -1.80 -11.99
N ASP A 296 -1.79 -2.46 -12.89
CA ASP A 296 -2.59 -3.64 -12.53
C ASP A 296 -1.65 -4.83 -12.29
N ARG A 297 -1.81 -5.49 -11.14
CA ARG A 297 -1.10 -6.74 -10.86
C ARG A 297 -1.78 -7.98 -11.48
N SER A 298 -3.05 -7.83 -11.85
CA SER A 298 -3.81 -8.83 -12.62
C SER A 298 -3.55 -8.62 -14.10
N PRO A 299 -3.99 -9.60 -14.94
CA PRO A 299 -3.88 -9.45 -16.42
C PRO A 299 -4.84 -8.40 -17.01
N CYS A 300 -5.77 -7.90 -16.18
CA CYS A 300 -6.74 -6.83 -16.50
C CYS A 300 -7.82 -7.33 -17.42
N GLY A 301 -9.04 -7.52 -16.91
CA GLY A 301 -10.10 -8.09 -17.70
C GLY A 301 -10.63 -7.23 -18.84
N THR A 302 -10.74 -5.92 -18.62
CA THR A 302 -11.14 -5.01 -19.70
C THR A 302 -10.03 -4.90 -20.77
N GLY A 303 -8.78 -4.93 -20.33
CA GLY A 303 -7.63 -4.91 -21.26
C GLY A 303 -7.56 -6.19 -22.05
N THR A 304 -7.84 -7.32 -21.40
CA THR A 304 -7.94 -8.63 -22.06
C THR A 304 -9.06 -8.62 -23.10
N SER A 305 -10.23 -8.07 -22.74
CA SER A 305 -11.36 -7.89 -23.67
C SER A 305 -11.00 -7.04 -24.88
N ALA A 306 -10.30 -5.94 -24.64
CA ALA A 306 -9.84 -5.07 -25.74
C ALA A 306 -8.84 -5.74 -26.64
N LYS A 307 -7.94 -6.52 -26.05
CA LYS A 307 -6.95 -7.26 -26.81
C LYS A 307 -7.59 -8.35 -27.66
N MET A 308 -8.54 -9.08 -27.09
CA MET A 308 -9.25 -10.11 -27.83
C MET A 308 -10.06 -9.51 -28.99
N ALA A 309 -10.63 -8.32 -28.79
CA ALA A 309 -11.44 -7.73 -29.85
C ALA A 309 -10.51 -7.35 -30.98
N THR A 310 -9.34 -6.87 -30.61
CA THR A 310 -8.31 -6.52 -31.57
C THR A 310 -7.83 -7.76 -32.33
N LEU A 311 -7.52 -8.83 -31.62
CA LEU A 311 -7.11 -10.06 -32.30
C LEU A 311 -8.23 -10.63 -33.18
N TYR A 312 -9.44 -10.64 -32.65
CA TYR A 312 -10.56 -11.13 -33.41
C TYR A 312 -10.72 -10.34 -34.72
N ALA A 313 -10.65 -9.02 -34.62
CA ALA A 313 -10.79 -8.14 -35.79
C ALA A 313 -9.73 -8.48 -36.86
N LYS A 314 -8.57 -8.97 -36.42
CA LYS A 314 -7.46 -9.30 -37.33
C LYS A 314 -7.43 -10.79 -37.73
N GLY A 315 -8.50 -11.51 -37.41
CA GLY A 315 -8.68 -12.90 -37.78
C GLY A 315 -7.85 -13.89 -36.98
N GLN A 316 -7.46 -13.52 -35.76
CA GLN A 316 -6.45 -14.31 -35.05
C GLN A 316 -7.01 -15.02 -33.84
N LEU A 317 -8.31 -14.98 -33.71
CA LEU A 317 -8.96 -15.62 -32.62
C LEU A 317 -10.33 -15.98 -33.12
N ARG A 318 -10.79 -17.21 -32.89
CA ARG A 318 -12.15 -17.56 -33.30
C ARG A 318 -13.05 -17.66 -32.11
N ILE A 319 -14.34 -17.58 -32.39
CA ILE A 319 -15.35 -17.70 -31.40
C ILE A 319 -15.17 -19.01 -30.61
N GLY A 320 -15.11 -18.87 -29.30
CA GLY A 320 -14.95 -19.99 -28.37
C GLY A 320 -13.51 -20.34 -28.05
N GLU A 321 -12.55 -19.81 -28.80
CA GLU A 321 -11.13 -20.10 -28.58
C GLU A 321 -10.63 -19.46 -27.28
N THR A 322 -9.89 -20.21 -26.48
CA THR A 322 -9.36 -19.66 -25.23
C THR A 322 -8.10 -18.88 -25.49
N PHE A 323 -8.10 -17.64 -24.98
CA PHE A 323 -6.98 -16.78 -24.96
C PHE A 323 -6.56 -16.65 -23.49
N VAL A 324 -5.27 -16.78 -23.23
CA VAL A 324 -4.73 -16.67 -21.85
C VAL A 324 -3.75 -15.54 -21.78
N TYR A 325 -4.01 -14.60 -20.86
CA TYR A 325 -3.20 -13.41 -20.73
C TYR A 325 -2.51 -13.44 -19.37
N GLU A 326 -1.21 -13.15 -19.37
CA GLU A 326 -0.37 -13.17 -18.15
C GLU A 326 -0.09 -11.78 -17.67
N SER A 327 0.00 -11.61 -16.35
CA SER A 327 0.32 -10.32 -15.78
C SER A 327 1.80 -10.24 -15.36
N ILE A 328 2.21 -9.05 -14.95
CA ILE A 328 3.56 -8.80 -14.46
C ILE A 328 3.91 -9.73 -13.29
N LEU A 329 2.91 -10.18 -12.55
CA LEU A 329 3.06 -11.07 -11.40
C LEU A 329 3.06 -12.55 -11.77
N GLY A 330 2.79 -12.88 -13.03
CA GLY A 330 2.59 -14.25 -13.44
C GLY A 330 1.19 -14.78 -13.29
N SER A 331 0.26 -13.93 -12.86
CA SER A 331 -1.14 -14.32 -12.79
C SER A 331 -1.72 -14.54 -14.19
N LEU A 332 -2.67 -15.45 -14.30
CA LEU A 332 -3.39 -15.73 -15.56
C LEU A 332 -4.88 -15.45 -15.53
N PHE A 333 -5.39 -14.84 -16.61
CA PHE A 333 -6.80 -14.76 -16.90
C PHE A 333 -7.03 -15.53 -18.22
N GLN A 334 -8.18 -16.17 -18.27
CA GLN A 334 -8.72 -16.84 -19.48
C GLN A 334 -9.85 -16.04 -20.08
N GLY A 335 -9.82 -15.93 -21.41
CA GLY A 335 -10.88 -15.25 -22.12
C GLY A 335 -11.34 -16.05 -23.33
N ARG A 336 -12.62 -15.91 -23.64
CA ARG A 336 -13.19 -16.41 -24.89
C ARG A 336 -14.03 -15.32 -25.52
N VAL A 337 -13.99 -15.22 -26.86
CA VAL A 337 -15.01 -14.45 -27.56
C VAL A 337 -16.21 -15.33 -27.76
N LEU A 338 -17.38 -14.89 -27.30
CA LEU A 338 -18.60 -15.71 -27.36
C LEU A 338 -19.54 -15.33 -28.53
N GLY A 339 -19.32 -14.17 -29.13
CA GLY A 339 -20.23 -13.65 -30.14
C GLY A 339 -19.65 -12.40 -30.81
N GLU A 340 -20.17 -12.11 -31.99
CA GLU A 340 -19.77 -10.97 -32.76
C GLU A 340 -21.00 -10.41 -33.44
N GLU A 341 -20.92 -9.14 -33.81
CA GLU A 341 -22.04 -8.48 -34.44
C GLU A 341 -21.49 -7.29 -35.20
N ARG A 342 -21.98 -7.06 -36.41
CA ARG A 342 -21.71 -5.80 -37.07
CA ARG A 342 -21.73 -5.81 -37.14
C ARG A 342 -22.97 -4.94 -36.94
N ILE A 343 -22.76 -3.65 -36.66
CA ILE A 343 -23.85 -2.73 -36.38
C ILE A 343 -24.04 -1.79 -37.58
N PRO A 344 -25.05 -2.09 -38.44
CA PRO A 344 -25.14 -1.29 -39.68
C PRO A 344 -25.32 0.21 -39.45
N GLY A 345 -24.59 1.00 -40.22
CA GLY A 345 -24.72 2.44 -40.20
C GLY A 345 -23.94 3.15 -39.11
N VAL A 346 -23.21 2.39 -38.29
CA VAL A 346 -22.45 2.95 -37.18
C VAL A 346 -21.00 2.62 -37.46
N LYS A 347 -20.15 3.63 -37.51
CA LYS A 347 -18.75 3.42 -37.80
C LYS A 347 -17.83 3.97 -36.72
N VAL A 348 -16.66 3.38 -36.62
CA VAL A 348 -15.55 3.93 -35.86
C VAL A 348 -14.41 4.03 -36.87
N PRO A 349 -13.31 4.70 -36.49
CA PRO A 349 -12.23 4.95 -37.44
C PRO A 349 -11.70 3.72 -38.19
N VAL A 350 -11.73 2.54 -37.58
CA VAL A 350 -11.23 1.36 -38.27
C VAL A 350 -12.25 0.73 -39.23
N THR A 351 -13.52 1.09 -39.11
CA THR A 351 -14.57 0.52 -39.94
C THR A 351 -14.29 0.95 -41.38
N LYS A 352 -14.04 -0.01 -42.27
CA LYS A 352 -13.69 0.31 -43.67
C LYS A 352 -14.93 0.71 -44.45
N ASP A 353 -14.72 1.47 -45.52
CA ASP A 353 -15.76 1.75 -46.52
C ASP A 353 -16.28 0.43 -47.08
N ALA A 354 -15.38 -0.52 -47.32
CA ALA A 354 -15.76 -1.87 -47.78
C ALA A 354 -16.68 -2.59 -46.79
N GLU A 355 -16.74 -2.10 -45.54
CA GLU A 355 -17.53 -2.74 -44.49
C GLU A 355 -18.87 -2.09 -44.18
N GLU A 356 -19.72 -2.95 -43.61
CA GLU A 356 -21.16 -2.79 -43.47
C GLU A 356 -21.61 -2.40 -42.03
N GLY A 357 -20.84 -1.57 -41.36
CA GLY A 357 -21.09 -1.30 -39.94
C GLY A 357 -19.98 -1.86 -39.05
N MET A 358 -19.80 -1.24 -37.89
CA MET A 358 -18.68 -1.54 -37.01
C MET A 358 -18.84 -2.92 -36.39
N LEU A 359 -17.72 -3.61 -36.25
CA LEU A 359 -17.66 -4.91 -35.61
C LEU A 359 -17.53 -4.75 -34.08
N VAL A 360 -18.35 -5.47 -33.34
CA VAL A 360 -18.18 -5.58 -31.90
C VAL A 360 -18.16 -7.04 -31.52
N VAL A 361 -17.52 -7.34 -30.40
CA VAL A 361 -17.53 -8.71 -29.87
C VAL A 361 -17.93 -8.76 -28.41
N THR A 362 -18.47 -9.91 -28.01
CA THR A 362 -18.79 -10.18 -26.62
C THR A 362 -17.73 -11.12 -26.08
N ALA A 363 -17.01 -10.67 -25.06
CA ALA A 363 -15.89 -11.42 -24.49
C ALA A 363 -16.23 -11.84 -23.07
N GLU A 364 -15.91 -13.08 -22.76
CA GLU A 364 -15.99 -13.60 -21.41
C GLU A 364 -14.60 -13.68 -20.84
N ILE A 365 -14.42 -13.19 -19.61
CA ILE A 365 -13.18 -13.28 -18.89
C ILE A 365 -13.36 -14.09 -17.61
N THR A 366 -12.37 -14.91 -17.29
CA THR A 366 -12.41 -15.76 -16.08
C THR A 366 -11.17 -15.58 -15.24
N GLY A 367 -11.35 -15.40 -13.93
CA GLY A 367 -10.24 -15.41 -13.00
C GLY A 367 -10.69 -15.84 -11.61
N LYS A 368 -9.79 -15.73 -10.63
CA LYS A 368 -10.10 -16.18 -9.26
C LYS A 368 -9.82 -15.05 -8.26
N ALA A 369 -10.81 -14.77 -7.42
CA ALA A 369 -10.66 -13.76 -6.40
C ALA A 369 -10.77 -14.39 -5.02
N PHE A 370 -10.14 -13.76 -4.05
CA PHE A 370 -10.13 -14.21 -2.66
C PHE A 370 -10.53 -13.09 -1.74
N ILE A 371 -11.27 -13.41 -0.67
CA ILE A 371 -11.49 -12.48 0.40
C ILE A 371 -10.19 -12.37 1.19
N MET A 372 -9.67 -11.16 1.37
CA MET A 372 -8.45 -10.95 2.16
C MET A 372 -8.71 -10.19 3.49
N GLY A 373 -9.90 -9.62 3.62
CA GLY A 373 -10.31 -9.01 4.90
C GLY A 373 -11.71 -8.45 4.91
N PHE A 374 -12.20 -8.21 6.13
CA PHE A 374 -13.41 -7.48 6.39
C PHE A 374 -12.98 -6.29 7.22
N ASN A 375 -13.12 -5.08 6.69
CA ASN A 375 -12.60 -3.89 7.33
C ASN A 375 -13.72 -2.91 7.65
N THR A 376 -13.62 -2.25 8.79
CA THR A 376 -14.40 -1.07 9.03
C THR A 376 -13.40 0.10 9.02
N MET A 377 -13.50 0.95 8.00
CA MET A 377 -12.58 2.07 7.86
CA MET A 377 -12.61 2.09 7.83
C MET A 377 -13.10 3.32 8.59
N LEU A 378 -12.22 3.96 9.36
CA LEU A 378 -12.56 5.09 10.23
C LEU A 378 -11.93 6.39 9.75
N PHE A 379 -12.66 7.48 9.90
CA PHE A 379 -12.23 8.80 9.45
C PHE A 379 -12.50 9.85 10.53
N ASP A 380 -11.57 9.99 11.45
CA ASP A 380 -11.69 10.98 12.51
C ASP A 380 -11.59 12.36 11.88
N PRO A 381 -12.54 13.27 12.17
CA PRO A 381 -12.51 14.57 11.47
C PRO A 381 -11.31 15.42 11.76
N THR A 382 -10.59 15.15 12.84
CA THR A 382 -9.37 15.88 13.15
C THR A 382 -8.12 15.18 12.60
N ASP A 383 -8.30 14.06 11.90
CA ASP A 383 -7.17 13.33 11.29
C ASP A 383 -6.71 14.13 10.06
N PRO A 384 -5.44 14.53 10.04
CA PRO A 384 -4.91 15.35 8.95
C PRO A 384 -4.85 14.57 7.63
N PHE A 385 -4.93 13.23 7.73
CA PHE A 385 -4.93 12.41 6.53
C PHE A 385 -6.24 11.62 6.38
N LYS A 386 -7.33 12.20 6.86
CA LYS A 386 -8.66 11.66 6.57
C LYS A 386 -8.96 11.53 5.08
N ASN A 387 -8.36 12.38 4.25
CA ASN A 387 -8.55 12.31 2.82
C ASN A 387 -7.40 11.69 2.05
N GLY A 388 -6.48 11.05 2.78
CA GLY A 388 -5.35 10.37 2.19
C GLY A 388 -4.24 11.23 1.65
N PHE A 389 -3.19 10.59 1.20
CA PHE A 389 -2.06 11.27 0.54
C PHE A 389 -1.34 10.33 -0.36
N THR A 390 -0.58 10.87 -1.30
CA THR A 390 0.37 10.05 -2.04
C THR A 390 1.69 10.76 -2.11
N LEU A 391 2.79 10.00 -2.07
CA LEU A 391 4.11 10.59 -2.26
C LEU A 391 4.63 10.41 -3.67
N LYS A 392 3.76 10.00 -4.59
CA LYS A 392 4.18 9.76 -5.96
C LYS A 392 4.40 11.10 -6.66
N GLN A 393 5.44 11.15 -7.51
CA GLN A 393 5.85 12.40 -8.18
C GLN A 393 4.78 13.02 -9.09
N TYR A 394 4.60 14.34 -8.93
CA TYR A 394 3.69 15.16 -9.75
C TYR A 394 2.40 14.45 -10.16
N SER B 45 -7.80 -16.37 10.47
CA SER B 45 -8.06 -14.89 10.51
C SER B 45 -7.38 -14.22 11.70
N PHE B 46 -6.92 -13.00 11.47
CA PHE B 46 -6.28 -12.20 12.51
C PHE B 46 -7.06 -10.90 12.64
N THR B 47 -7.26 -10.43 13.86
CA THR B 47 -7.85 -9.13 14.07
C THR B 47 -6.72 -8.12 14.24
N CYS B 48 -6.88 -6.97 13.59
CA CYS B 48 -5.93 -5.87 13.59
CA CYS B 48 -5.94 -5.90 13.81
C CYS B 48 -6.63 -4.57 13.96
N ILE B 49 -5.93 -3.70 14.69
CA ILE B 49 -6.35 -2.33 14.87
C ILE B 49 -5.34 -1.60 13.96
N ASP B 50 -5.83 -1.11 12.84
CA ASP B 50 -5.00 -0.32 11.91
C ASP B 50 -4.93 1.16 12.39
N MET B 51 -3.73 1.59 12.78
CA MET B 51 -3.50 2.92 13.30
C MET B 51 -2.62 3.59 12.29
N HIS B 52 -2.56 4.91 12.34
CA HIS B 52 -1.45 5.61 11.72
C HIS B 52 -1.01 6.73 12.65
N THR B 53 0.27 7.02 12.62
CA THR B 53 0.81 8.09 13.45
C THR B 53 1.33 9.14 12.51
N GLU B 54 0.55 10.20 12.35
CA GLU B 54 0.90 11.31 11.44
C GLU B 54 1.29 10.88 10.01
N GLY B 55 0.54 9.93 9.48
CA GLY B 55 0.73 9.44 8.12
C GLY B 55 1.38 8.06 8.02
N GLU B 56 2.03 7.61 9.09
CA GLU B 56 2.78 6.34 9.08
C GLU B 56 1.93 5.20 9.69
N ALA B 57 1.73 4.13 8.91
CA ALA B 57 0.88 3.02 9.36
C ALA B 57 1.46 2.29 10.57
N ALA B 58 0.56 1.70 11.38
CA ALA B 58 0.95 0.79 12.42
C ALA B 58 -0.22 -0.19 12.48
N ARG B 59 -0.03 -1.34 11.85
CA ARG B 59 -1.00 -2.44 11.84
C ARG B 59 -0.76 -3.27 13.07
N ILE B 60 -1.65 -3.15 14.07
CA ILE B 60 -1.43 -3.79 15.39
C ILE B 60 -2.31 -5.06 15.48
N VAL B 61 -1.65 -6.22 15.45
CA VAL B 61 -2.34 -7.49 15.41
C VAL B 61 -2.69 -7.86 16.83
N THR B 62 -3.99 -7.99 17.10
CA THR B 62 -4.47 -8.10 18.45
C THR B 62 -4.98 -9.50 18.78
N SER B 63 -5.25 -10.31 17.77
CA SER B 63 -5.76 -11.66 18.01
CA SER B 63 -5.77 -11.66 18.00
C SER B 63 -5.60 -12.56 16.79
N GLY B 64 -5.62 -13.86 17.03
CA GLY B 64 -5.60 -14.86 15.99
C GLY B 64 -4.25 -15.43 15.66
N LEU B 65 -3.17 -14.91 16.25
CA LEU B 65 -1.84 -15.44 15.98
C LEU B 65 -1.66 -16.85 16.58
N PRO B 66 -0.82 -17.67 15.95
CA PRO B 66 -0.42 -18.93 16.57
C PRO B 66 0.33 -18.64 17.84
N HIS B 67 0.31 -19.59 18.77
CA HIS B 67 1.05 -19.46 19.98
C HIS B 67 2.54 -19.72 19.73
N ILE B 68 3.33 -18.85 20.32
CA ILE B 68 4.77 -18.63 20.04
C ILE B 68 5.49 -18.87 21.38
N PRO B 69 6.57 -19.68 21.42
CA PRO B 69 7.40 -19.71 22.64
C PRO B 69 8.25 -18.46 22.85
N GLY B 70 9.00 -18.45 23.96
CA GLY B 70 9.98 -17.41 24.25
C GLY B 70 9.91 -16.96 25.69
N SER B 71 11.06 -16.77 26.32
CA SER B 71 11.11 -16.36 27.73
C SER B 71 11.28 -14.85 27.88
N ASN B 72 11.38 -14.15 26.74
CA ASN B 72 11.39 -12.68 26.67
C ASN B 72 10.99 -12.23 25.24
N MET B 73 10.79 -10.92 25.03
CA MET B 73 10.28 -10.44 23.73
C MET B 73 11.31 -10.55 22.60
N ALA B 74 12.60 -10.44 22.94
CA ALA B 74 13.66 -10.66 21.96
C ALA B 74 13.63 -12.10 21.44
N GLU B 75 13.37 -13.07 22.31
CA GLU B 75 13.24 -14.45 21.84
C GLU B 75 11.98 -14.67 21.04
N LYS B 76 10.92 -13.96 21.36
CA LYS B 76 9.71 -14.10 20.55
C LYS B 76 9.93 -13.59 19.15
N LYS B 77 10.59 -12.43 19.04
CA LYS B 77 10.96 -11.86 17.75
C LYS B 77 11.82 -12.81 16.95
N ALA B 78 12.83 -13.39 17.59
CA ALA B 78 13.70 -14.39 16.97
C ALA B 78 12.90 -15.61 16.52
N TYR B 79 11.92 -16.05 17.32
CA TYR B 79 11.13 -17.21 16.89
C TYR B 79 10.31 -16.94 15.63
N LEU B 80 9.70 -15.75 15.58
CA LEU B 80 8.90 -15.36 14.43
C LEU B 80 9.75 -15.25 13.18
N GLN B 81 10.86 -14.55 13.35
CA GLN B 81 11.82 -14.28 12.28
C GLN B 81 12.38 -15.57 11.70
N GLU B 82 12.74 -16.48 12.60
CA GLU B 82 13.34 -17.74 12.19
C GLU B 82 12.37 -18.81 11.69
N ASN B 83 11.18 -18.91 12.29
CA ASN B 83 10.25 -20.00 12.03
C ASN B 83 8.87 -19.66 11.44
N MET B 84 8.43 -18.41 11.56
CA MET B 84 7.07 -18.07 11.11
C MET B 84 7.07 -16.73 10.37
N ASP B 85 8.05 -16.53 9.50
CA ASP B 85 8.16 -15.26 8.81
C ASP B 85 7.03 -15.06 7.83
N TYR B 86 6.31 -16.13 7.48
CA TYR B 86 5.17 -16.01 6.60
C TYR B 86 4.06 -15.11 7.19
N LEU B 87 4.02 -14.96 8.51
CA LEU B 87 3.00 -14.11 9.18
C LEU B 87 3.26 -12.67 8.80
N ARG B 88 4.47 -12.21 9.08
CA ARG B 88 4.91 -10.88 8.67
C ARG B 88 4.62 -10.61 7.20
N ARG B 89 5.00 -11.54 6.34
CA ARG B 89 4.91 -11.32 4.88
C ARG B 89 3.45 -11.14 4.47
N GLY B 90 2.57 -12.00 4.97
CA GLY B 90 1.18 -11.90 4.64
C GLY B 90 0.48 -10.67 5.18
N ILE B 91 0.89 -10.20 6.36
CA ILE B 91 0.23 -9.10 7.03
C ILE B 91 0.76 -7.74 6.51
N MET B 92 2.04 -7.71 6.18
CA MET B 92 2.72 -6.45 5.80
C MET B 92 2.65 -6.13 4.31
N LEU B 93 2.83 -7.15 3.49
CA LEU B 93 2.97 -6.96 2.03
C LEU B 93 1.65 -6.93 1.29
N GLU B 94 1.66 -6.36 0.08
CA GLU B 94 0.56 -6.59 -0.84
C GLU B 94 0.16 -8.07 -0.90
N PRO B 95 -1.13 -8.36 -1.08
CA PRO B 95 -2.22 -7.42 -1.31
C PRO B 95 -2.85 -6.85 -0.03
N ARG B 96 -2.63 -7.49 1.14
CA ARG B 96 -3.21 -6.95 2.38
C ARG B 96 -2.56 -5.69 2.94
N GLY B 97 -1.27 -5.50 2.63
CA GLY B 97 -0.51 -4.32 2.99
C GLY B 97 0.10 -3.70 1.74
N HIS B 98 1.33 -3.29 1.88
CA HIS B 98 2.02 -2.60 0.77
C HIS B 98 3.46 -2.32 1.14
N ASP B 99 4.22 -1.78 0.17
CA ASP B 99 5.64 -1.64 0.37
C ASP B 99 6.07 -0.67 1.48
N ASP B 100 5.15 0.08 2.06
CA ASP B 100 5.50 1.01 3.11
C ASP B 100 4.68 0.80 4.37
N MET B 101 4.09 -0.40 4.48
CA MET B 101 3.36 -0.83 5.69
C MET B 101 4.30 -1.15 6.84
N PHE B 102 3.77 -1.04 8.07
CA PHE B 102 4.51 -1.26 9.28
C PHE B 102 3.49 -1.81 10.26
N GLY B 103 3.94 -2.61 11.20
CA GLY B 103 3.05 -3.06 12.30
C GLY B 103 3.69 -3.83 13.42
N ALA B 104 2.85 -4.57 14.15
CA ALA B 104 3.34 -5.13 15.34
C ALA B 104 2.38 -6.22 15.77
N PHE B 105 2.96 -7.21 16.43
CA PHE B 105 2.21 -8.26 17.14
C PHE B 105 2.16 -7.96 18.64
N LEU B 106 0.96 -8.05 19.24
CA LEU B 106 0.84 -7.97 20.69
C LEU B 106 0.92 -9.36 21.34
N PHE B 107 1.50 -9.40 22.53
CA PHE B 107 1.69 -10.61 23.32
C PHE B 107 1.48 -10.26 24.79
N ASP B 108 1.34 -11.28 25.63
CA ASP B 108 1.41 -11.03 27.06
C ASP B 108 2.77 -10.38 27.44
N PRO B 109 2.76 -9.44 28.40
CA PRO B 109 4.02 -8.88 28.88
C PRO B 109 4.80 -9.96 29.63
N ILE B 110 6.13 -9.90 29.56
CA ILE B 110 6.99 -10.79 30.34
C ILE B 110 7.83 -10.01 31.35
N GLU B 111 8.48 -8.94 30.90
CA GLU B 111 9.27 -8.10 31.81
C GLU B 111 8.40 -7.50 32.89
N GLU B 112 8.92 -7.43 34.12
CA GLU B 112 8.14 -6.96 35.26
C GLU B 112 7.70 -5.51 35.03
N GLY B 113 6.42 -5.23 35.27
CA GLY B 113 5.89 -3.86 35.19
C GLY B 113 5.25 -3.47 33.86
N ALA B 114 5.28 -4.38 32.89
CA ALA B 114 4.76 -4.07 31.53
C ALA B 114 3.32 -4.46 31.41
N ASP B 115 2.56 -3.74 30.58
CA ASP B 115 1.18 -4.05 30.29
C ASP B 115 1.01 -4.98 29.09
N LEU B 116 1.89 -4.81 28.09
CA LEU B 116 1.79 -5.51 26.81
C LEU B 116 3.18 -5.88 26.32
N GLY B 117 3.33 -7.11 25.82
CA GLY B 117 4.48 -7.48 25.00
C GLY B 117 4.21 -7.04 23.55
N ILE B 118 5.27 -6.66 22.84
CA ILE B 118 5.12 -6.19 21.46
C ILE B 118 6.36 -6.57 20.65
N VAL B 119 6.13 -7.05 19.44
CA VAL B 119 7.19 -7.28 18.46
C VAL B 119 6.80 -6.52 17.23
N PHE B 120 7.74 -5.70 16.74
CA PHE B 120 7.53 -4.88 15.56
C PHE B 120 8.03 -5.56 14.27
N MET B 121 7.43 -5.16 13.17
CA MET B 121 7.69 -5.74 11.85
C MET B 121 7.50 -4.71 10.77
N ASP B 122 8.14 -5.00 9.67
CA ASP B 122 8.06 -4.12 8.51
C ASP B 122 8.20 -4.95 7.22
N THR B 123 8.31 -4.29 6.06
CA THR B 123 8.38 -5.00 4.79
C THR B 123 9.67 -5.81 4.59
N GLY B 124 10.69 -5.56 5.38
CA GLY B 124 11.96 -6.31 5.31
C GLY B 124 12.21 -7.27 6.45
N GLY B 125 11.90 -6.84 7.66
CA GLY B 125 12.17 -7.68 8.83
C GLY B 125 11.55 -7.13 10.09
N TYR B 126 12.31 -7.09 11.19
CA TYR B 126 11.79 -6.81 12.52
C TYR B 126 12.68 -5.85 13.29
N LEU B 127 12.18 -4.64 13.57
CA LEU B 127 12.95 -3.71 14.38
C LEU B 127 12.79 -3.97 15.85
N ASN B 128 13.88 -3.78 16.59
CA ASN B 128 13.84 -3.96 18.02
C ASN B 128 12.95 -2.94 18.74
N MET B 129 12.79 -1.74 18.16
CA MET B 129 11.88 -0.75 18.70
C MET B 129 11.35 0.13 17.59
N CYS B 130 10.22 0.77 17.86
CA CYS B 130 9.58 1.67 16.95
C CYS B 130 8.77 2.66 17.76
N GLY B 131 9.12 3.93 17.61
CA GLY B 131 8.49 4.99 18.33
C GLY B 131 7.11 5.29 17.82
N HIS B 132 6.94 5.35 16.49
CA HIS B 132 5.63 5.72 15.99
C HIS B 132 4.68 4.57 16.32
N ASN B 133 5.14 3.32 16.21
CA ASN B 133 4.26 2.17 16.52
C ASN B 133 4.01 2.09 18.03
N SER B 134 4.95 2.57 18.83
CA SER B 134 4.73 2.61 20.27
C SER B 134 3.69 3.65 20.63
N ILE B 135 3.79 4.83 20.02
CA ILE B 135 2.79 5.87 20.20
C ILE B 135 1.41 5.35 19.78
N ALA B 136 1.35 4.68 18.63
CA ALA B 136 0.12 4.08 18.15
C ALA B 136 -0.47 3.01 19.12
N ALA B 137 0.40 2.17 19.67
CA ALA B 137 -0.04 1.08 20.56
C ALA B 137 -0.57 1.61 21.91
N VAL B 138 0.12 2.62 22.44
CA VAL B 138 -0.31 3.29 23.67
C VAL B 138 -1.72 3.88 23.43
N THR B 139 -1.88 4.55 22.28
CA THR B 139 -3.14 5.15 21.89
C THR B 139 -4.28 4.12 21.74
N ALA B 140 -3.98 3.07 20.99
CA ALA B 140 -4.96 2.03 20.69
C ALA B 140 -5.35 1.32 21.97
N ALA B 141 -4.38 1.09 22.86
CA ALA B 141 -4.66 0.37 24.12
C ALA B 141 -5.70 1.10 24.98
N VAL B 142 -5.57 2.42 25.05
CA VAL B 142 -6.50 3.24 25.82
C VAL B 142 -7.83 3.41 25.08
N GLU B 143 -7.79 3.72 23.79
CA GLU B 143 -9.04 3.98 23.06
C GLU B 143 -9.93 2.75 22.87
N THR B 144 -9.35 1.56 22.85
CA THR B 144 -10.15 0.35 22.63
C THR B 144 -10.30 -0.50 23.88
N GLY B 145 -9.72 -0.07 24.99
CA GLY B 145 -9.96 -0.70 26.29
C GLY B 145 -9.16 -1.95 26.56
N ILE B 146 -8.00 -2.04 25.92
CA ILE B 146 -7.07 -3.13 26.18
C ILE B 146 -6.54 -2.92 27.60
N VAL B 147 -6.29 -1.65 27.95
CA VAL B 147 -5.91 -1.27 29.31
C VAL B 147 -6.97 -0.37 29.91
N SER B 148 -7.27 -0.62 31.18
CA SER B 148 -8.25 0.18 31.92
C SER B 148 -7.73 1.59 32.19
N VAL B 149 -8.65 2.55 32.24
CA VAL B 149 -8.37 3.91 32.65
C VAL B 149 -8.90 4.10 34.07
N PRO B 150 -8.02 4.51 35.02
CA PRO B 150 -8.53 4.89 36.33
C PRO B 150 -9.60 5.99 36.26
N ALA B 151 -10.49 6.03 37.24
CA ALA B 151 -11.53 7.05 37.29
C ALA B 151 -10.88 8.43 37.52
N LYS B 152 -11.44 9.45 36.90
CA LYS B 152 -10.87 10.81 36.97
C LYS B 152 -9.48 10.95 36.33
N ALA B 153 -8.99 9.90 35.65
CA ALA B 153 -7.66 9.93 35.08
C ALA B 153 -7.62 10.86 33.87
N THR B 154 -6.55 11.65 33.82
CA THR B 154 -6.25 12.50 32.68
C THR B 154 -5.03 11.99 31.91
N ASN B 155 -4.22 11.15 32.55
CA ASN B 155 -3.07 10.48 31.93
C ASN B 155 -3.12 9.02 32.26
N VAL B 156 -2.90 8.15 31.27
CA VAL B 156 -2.96 6.70 31.48
C VAL B 156 -1.64 6.09 31.03
N PRO B 157 -0.90 5.46 31.97
CA PRO B 157 0.35 4.78 31.62
C PRO B 157 0.05 3.49 30.86
N VAL B 158 0.86 3.21 29.86
CA VAL B 158 0.80 1.97 29.12
C VAL B 158 2.25 1.58 28.93
N VAL B 159 2.66 0.49 29.54
CA VAL B 159 4.07 0.08 29.54
C VAL B 159 4.27 -1.09 28.58
N LEU B 160 5.19 -0.92 27.63
CA LEU B 160 5.46 -1.91 26.58
C LEU B 160 6.74 -2.64 26.86
N ASP B 161 6.66 -3.96 26.77
CA ASP B 161 7.78 -4.87 26.87
C ASP B 161 8.20 -5.17 25.44
N THR B 162 9.29 -4.55 25.00
CA THR B 162 9.77 -4.64 23.62
C THR B 162 11.10 -5.40 23.55
N PRO B 163 11.48 -5.87 22.35
CA PRO B 163 12.78 -6.53 22.20
C PRO B 163 13.99 -5.68 22.63
N ALA B 164 13.84 -4.36 22.66
CA ALA B 164 14.90 -3.45 23.12
C ALA B 164 14.83 -3.07 24.59
N GLY B 165 13.79 -3.53 25.29
CA GLY B 165 13.58 -3.22 26.69
C GLY B 165 12.24 -2.58 26.95
N LEU B 166 12.10 -2.05 28.15
CA LEU B 166 10.86 -1.50 28.64
C LEU B 166 10.64 -0.09 28.13
N VAL B 167 9.46 0.16 27.56
CA VAL B 167 9.11 1.46 27.02
C VAL B 167 7.86 1.95 27.76
N ARG B 168 8.07 2.97 28.57
CA ARG B 168 7.02 3.54 29.41
C ARG B 168 6.23 4.62 28.65
N GLY B 169 5.02 4.27 28.27
CA GLY B 169 4.16 5.19 27.56
C GLY B 169 3.11 5.84 28.44
N THR B 170 2.62 6.99 27.96
CA THR B 170 1.52 7.68 28.60
C THR B 170 0.58 8.19 27.54
N ALA B 171 -0.69 7.83 27.66
CA ALA B 171 -1.75 8.39 26.84
C ALA B 171 -2.25 9.64 27.54
N HIS B 172 -2.21 10.78 26.85
CA HIS B 172 -2.69 12.04 27.43
C HIS B 172 -4.12 12.26 26.96
N LEU B 173 -5.04 12.24 27.91
CA LEU B 173 -6.45 12.16 27.56
C LEU B 173 -7.02 13.53 27.24
N GLN B 174 -8.04 13.52 26.40
CA GLN B 174 -8.77 14.73 26.09
C GLN B 174 -9.66 15.00 27.30
N SER B 175 -9.50 16.16 27.92
CA SER B 175 -10.32 16.55 29.07
C SER B 175 -11.80 16.36 28.75
N GLY B 176 -12.54 15.80 29.68
CA GLY B 176 -13.96 15.53 29.48
C GLY B 176 -14.26 14.25 28.70
N THR B 177 -13.23 13.44 28.44
CA THR B 177 -13.44 12.12 27.87
C THR B 177 -12.90 11.05 28.80
N GLU B 178 -13.52 9.88 28.75
CA GLU B 178 -13.10 8.73 29.54
C GLU B 178 -11.86 8.11 28.90
N SER B 179 -11.85 7.99 27.56
CA SER B 179 -10.77 7.28 26.88
C SER B 179 -10.40 7.80 25.48
N GLU B 180 -10.64 9.08 25.22
CA GLU B 180 -10.22 9.70 23.97
C GLU B 180 -8.82 10.22 24.22
N VAL B 181 -7.88 9.86 23.34
CA VAL B 181 -6.49 10.26 23.50
C VAL B 181 -6.17 11.49 22.63
N SER B 182 -5.59 12.49 23.27
CA SER B 182 -5.17 13.71 22.59
C SER B 182 -3.82 13.49 21.91
N ASN B 183 -2.91 12.85 22.62
CA ASN B 183 -1.62 12.44 22.07
C ASN B 183 -1.00 11.49 23.06
N ALA B 184 0.17 10.94 22.73
CA ALA B 184 0.83 9.98 23.58
C ALA B 184 2.31 10.21 23.54
N SER B 185 2.93 10.04 24.70
CA SER B 185 4.35 10.10 24.87
C SER B 185 4.89 8.72 25.17
N ILE B 186 6.13 8.49 24.78
CA ILE B 186 6.84 7.33 25.18
C ILE B 186 8.23 7.73 25.71
N ILE B 187 8.58 7.17 26.86
CA ILE B 187 9.93 7.22 27.40
C ILE B 187 10.66 6.01 26.82
N ASN B 188 11.63 6.29 25.98
CA ASN B 188 12.34 5.28 25.22
C ASN B 188 13.35 4.56 26.08
N VAL B 189 13.82 3.42 25.57
CA VAL B 189 14.95 2.74 26.19
C VAL B 189 16.16 3.68 26.06
N PRO B 190 17.20 3.48 26.89
CA PRO B 190 18.35 4.38 26.82
C PRO B 190 18.95 4.48 25.43
N SER B 191 19.27 5.70 25.05
CA SER B 191 19.84 6.01 23.77
C SER B 191 21.27 6.53 23.93
N PHE B 192 22.04 6.50 22.84
CA PHE B 192 23.45 6.94 22.91
C PHE B 192 24.12 7.11 21.55
N LEU B 193 24.97 8.12 21.44
CA LEU B 193 25.90 8.15 20.35
C LEU B 193 26.84 6.95 20.56
N TYR B 194 27.15 6.27 19.47
CA TYR B 194 27.94 5.04 19.49
C TYR B 194 29.32 5.29 18.90
N GLN B 195 29.33 5.87 17.71
CA GLN B 195 30.56 6.15 17.01
C GLN B 195 30.34 7.38 16.15
N GLN B 196 31.32 8.28 16.18
CA GLN B 196 31.25 9.58 15.52
C GLN B 196 32.14 9.68 14.30
N ASP B 197 31.70 10.47 13.33
CA ASP B 197 32.49 10.80 12.13
C ASP B 197 32.97 9.57 11.36
N VAL B 198 32.07 8.60 11.18
CA VAL B 198 32.39 7.40 10.43
C VAL B 198 32.34 7.71 8.95
N VAL B 199 33.44 7.43 8.26
CA VAL B 199 33.53 7.71 6.83
C VAL B 199 33.25 6.44 6.07
N VAL B 200 32.24 6.49 5.20
CA VAL B 200 31.99 5.38 4.28
C VAL B 200 31.93 5.88 2.86
N VAL B 201 32.33 4.99 1.96
CA VAL B 201 32.37 5.28 0.55
C VAL B 201 31.22 4.53 -0.09
N LEU B 202 30.28 5.28 -0.66
CA LEU B 202 29.17 4.71 -1.41
C LEU B 202 29.49 4.82 -2.90
N PRO B 203 28.78 4.03 -3.74
CA PRO B 203 28.89 4.20 -5.20
C PRO B 203 28.46 5.59 -5.67
N LYS B 204 28.87 5.98 -6.88
CA LYS B 204 28.44 7.25 -7.47
C LYS B 204 26.92 7.26 -7.67
N PRO B 205 26.30 8.46 -7.60
CA PRO B 205 26.89 9.79 -7.47
C PRO B 205 27.06 10.25 -6.01
N TYR B 206 27.09 9.30 -5.07
CA TYR B 206 27.14 9.62 -3.64
C TYR B 206 28.58 9.72 -3.13
N GLY B 207 29.40 8.72 -3.42
CA GLY B 207 30.81 8.75 -3.03
C GLY B 207 31.00 8.73 -1.52
N GLU B 208 31.96 9.51 -1.04
CA GLU B 208 32.33 9.49 0.35
C GLU B 208 31.39 10.34 1.20
N VAL B 209 30.89 9.76 2.29
CA VAL B 209 30.06 10.49 3.26
C VAL B 209 30.52 10.21 4.69
N ARG B 210 30.25 11.14 5.59
CA ARG B 210 30.53 11.00 7.03
C ARG B 210 29.24 10.95 7.85
N VAL B 211 29.15 9.97 8.74
CA VAL B 211 27.93 9.79 9.52
C VAL B 211 28.26 9.60 10.99
N ASP B 212 27.23 9.70 11.82
CA ASP B 212 27.33 9.25 13.18
C ASP B 212 26.49 8.01 13.25
N ILE B 213 26.94 7.08 14.09
CA ILE B 213 26.15 5.91 14.46
C ILE B 213 25.64 6.15 15.86
N ALA B 214 24.31 6.06 16.04
CA ALA B 214 23.72 6.21 17.36
C ALA B 214 22.61 5.20 17.60
N PHE B 215 22.42 4.83 18.85
CA PHE B 215 21.32 3.94 19.20
C PHE B 215 20.16 4.74 19.76
N GLY B 216 18.98 4.50 19.20
CA GLY B 216 17.76 5.06 19.72
C GLY B 216 16.65 4.02 19.93
N GLY B 217 17.05 2.76 20.14
CA GLY B 217 16.10 1.64 20.15
C GLY B 217 16.39 0.70 18.99
N ASN B 218 16.82 1.30 17.88
CA ASN B 218 17.55 0.66 16.77
C ASN B 218 18.83 1.43 16.60
N PHE B 219 19.86 0.79 16.03
CA PHE B 219 21.05 1.54 15.58
C PHE B 219 20.74 2.25 14.31
N PHE B 220 21.13 3.54 14.25
CA PHE B 220 20.94 4.42 13.10
C PHE B 220 22.30 4.88 12.62
N ALA B 221 22.43 4.98 11.31
CA ALA B 221 23.42 5.85 10.67
C ALA B 221 22.73 7.15 10.38
N ILE B 222 23.21 8.23 10.99
CA ILE B 222 22.61 9.53 10.85
C ILE B 222 23.54 10.35 9.93
N VAL B 223 22.97 10.87 8.85
CA VAL B 223 23.71 11.60 7.81
C VAL B 223 22.91 12.82 7.32
N PRO B 224 23.61 13.96 7.06
CA PRO B 224 22.91 15.09 6.41
C PRO B 224 22.64 14.83 4.93
N ALA B 225 21.46 15.23 4.48
CA ALA B 225 21.05 15.07 3.11
C ALA B 225 22.10 15.73 2.19
N GLU B 226 22.64 16.85 2.66
CA GLU B 226 23.58 17.64 1.86
C GLU B 226 24.78 16.79 1.39
N GLN B 227 25.28 15.91 2.26
CA GLN B 227 26.37 15.00 1.90
C GLN B 227 25.99 14.00 0.80
N LEU B 228 24.70 13.79 0.60
CA LEU B 228 24.22 12.91 -0.44
C LEU B 228 23.92 13.67 -1.73
N GLY B 229 23.89 15.01 -1.64
CA GLY B 229 23.55 15.86 -2.77
C GLY B 229 22.10 15.79 -3.18
N ILE B 230 21.24 15.46 -2.20
CA ILE B 230 19.79 15.31 -2.40
C ILE B 230 19.09 16.20 -1.37
N ASP B 231 18.14 17.03 -1.81
CA ASP B 231 17.26 17.72 -0.88
C ASP B 231 16.23 16.75 -0.34
N ILE B 232 15.83 16.92 0.91
CA ILE B 232 14.71 16.15 1.45
C ILE B 232 13.43 16.79 0.90
N SER B 233 12.80 16.07 -0.01
CA SER B 233 11.58 16.51 -0.65
C SER B 233 10.89 15.28 -1.20
N VAL B 234 9.59 15.38 -1.37
CA VAL B 234 8.80 14.27 -1.87
C VAL B 234 9.31 13.81 -3.25
N GLN B 235 9.72 14.78 -4.07
CA GLN B 235 10.28 14.52 -5.40
C GLN B 235 11.50 13.59 -5.39
N ASN B 236 12.35 13.72 -4.37
CA ASN B 236 13.59 12.92 -4.25
C ASN B 236 13.47 11.60 -3.49
N LEU B 237 12.25 11.23 -3.15
CA LEU B 237 12.05 10.11 -2.26
C LEU B 237 12.67 8.79 -2.76
N SER B 238 12.53 8.49 -4.04
CA SER B 238 13.13 7.26 -4.58
C SER B 238 14.66 7.25 -4.43
N ARG B 239 15.29 8.39 -4.69
CA ARG B 239 16.74 8.51 -4.52
C ARG B 239 17.14 8.36 -3.05
N LEU B 240 16.36 9.01 -2.18
CA LEU B 240 16.55 8.89 -0.75
C LEU B 240 16.49 7.43 -0.29
N GLN B 241 15.55 6.66 -0.86
CA GLN B 241 15.42 5.25 -0.54
C GLN B 241 16.68 4.47 -0.99
N GLU B 242 17.16 4.76 -2.19
CA GLU B 242 18.33 4.08 -2.75
C GLU B 242 19.59 4.43 -1.95
N ALA B 243 19.78 5.70 -1.63
CA ALA B 243 20.92 6.12 -0.83
C ALA B 243 20.89 5.49 0.55
N GLY B 244 19.70 5.47 1.16
CA GLY B 244 19.54 4.87 2.45
C GLY B 244 19.90 3.39 2.47
N GLU B 245 19.49 2.67 1.43
CA GLU B 245 19.78 1.24 1.30
C GLU B 245 21.29 1.04 1.12
N LEU B 246 21.88 1.83 0.22
CA LEU B 246 23.32 1.69 -0.06
C LEU B 246 24.14 2.03 1.15
N LEU B 247 23.74 3.07 1.87
CA LEU B 247 24.46 3.47 3.06
C LEU B 247 24.32 2.45 4.17
N ARG B 248 23.12 1.95 4.40
CA ARG B 248 22.92 0.89 5.40
C ARG B 248 23.81 -0.35 5.10
N THR B 249 23.79 -0.80 3.85
CA THR B 249 24.54 -2.01 3.49
C THR B 249 26.05 -1.76 3.65
N GLU B 250 26.52 -0.60 3.20
CA GLU B 250 27.95 -0.32 3.25
C GLU B 250 28.44 -0.20 4.70
N ILE B 251 27.68 0.53 5.52
CA ILE B 251 27.94 0.66 6.95
C ILE B 251 28.04 -0.71 7.63
N ASN B 252 27.11 -1.61 7.34
CA ASN B 252 27.17 -2.91 8.00
C ASN B 252 28.34 -3.77 7.49
N ARG B 253 28.77 -3.53 6.26
CA ARG B 253 29.96 -4.22 5.75
C ARG B 253 31.23 -3.75 6.50
N SER B 254 31.36 -2.44 6.76
CA SER B 254 32.63 -1.87 7.23
C SER B 254 32.70 -1.52 8.73
N VAL B 255 31.55 -1.38 9.39
CA VAL B 255 31.53 -1.21 10.83
C VAL B 255 30.69 -2.26 11.51
N LYS B 256 31.27 -2.98 12.46
CA LYS B 256 30.53 -3.99 13.23
C LYS B 256 30.08 -3.40 14.56
N VAL B 257 28.77 -3.20 14.69
CA VAL B 257 28.20 -2.57 15.88
C VAL B 257 27.66 -3.64 16.81
N GLN B 258 27.61 -3.32 18.09
CA GLN B 258 27.11 -4.25 19.09
C GLN B 258 26.61 -3.43 20.27
N HIS B 259 25.33 -3.58 20.57
CA HIS B 259 24.76 -2.94 21.73
C HIS B 259 25.43 -3.61 22.93
N PRO B 260 26.08 -2.82 23.80
CA PRO B 260 26.86 -3.44 24.87
C PRO B 260 26.06 -4.12 25.99
N GLN B 261 24.75 -3.86 26.10
CA GLN B 261 23.88 -4.56 27.06
C GLN B 261 22.90 -5.58 26.43
N LEU B 262 22.73 -5.53 25.12
CA LEU B 262 21.74 -6.36 24.43
C LEU B 262 22.44 -7.05 23.27
N PRO B 263 22.92 -8.29 23.52
CA PRO B 263 23.68 -9.09 22.56
C PRO B 263 23.03 -9.19 21.18
N HIS B 264 21.70 -9.31 21.14
CA HIS B 264 20.99 -9.57 19.88
C HIS B 264 20.99 -8.39 18.88
N ILE B 265 21.32 -7.19 19.36
CA ILE B 265 21.34 -6.00 18.51
C ILE B 265 22.77 -5.70 18.02
N ASN B 266 23.06 -6.13 16.80
CA ASN B 266 24.42 -6.10 16.24
C ASN B 266 24.47 -5.68 14.77
N THR B 267 23.46 -4.94 14.33
CA THR B 267 23.44 -4.41 12.99
C THR B 267 22.86 -3.00 13.04
N VAL B 268 23.21 -2.20 12.05
CA VAL B 268 22.53 -0.93 11.81
C VAL B 268 21.34 -1.18 10.90
N ASP B 269 20.15 -0.89 11.39
CA ASP B 269 18.95 -1.23 10.68
C ASP B 269 18.28 -0.04 10.01
N CYS B 270 18.65 1.18 10.38
CA CYS B 270 17.95 2.38 9.90
C CYS B 270 18.95 3.43 9.52
N VAL B 271 18.63 4.19 8.48
CA VAL B 271 19.41 5.36 8.06
C VAL B 271 18.53 6.59 8.16
N GLU B 272 19.00 7.57 8.93
CA GLU B 272 18.28 8.81 9.17
C GLU B 272 18.99 9.93 8.40
N ILE B 273 18.28 10.50 7.44
CA ILE B 273 18.79 11.52 6.54
C ILE B 273 18.11 12.81 6.98
N TYR B 274 18.90 13.81 7.35
CA TYR B 274 18.32 15.04 7.90
C TYR B 274 18.78 16.29 7.18
N GLY B 275 18.07 17.38 7.44
CA GLY B 275 18.31 18.64 6.76
C GLY B 275 17.50 19.73 7.43
N PRO B 276 17.53 20.93 6.85
CA PRO B 276 16.84 22.05 7.46
C PRO B 276 15.32 21.89 7.50
N PRO B 277 14.67 22.50 8.50
CA PRO B 277 13.22 22.37 8.60
C PRO B 277 12.50 23.19 7.54
N THR B 278 11.25 22.82 7.26
CA THR B 278 10.36 23.62 6.41
C THR B 278 9.38 24.34 7.31
N ASN B 279 8.96 23.68 8.37
CA ASN B 279 8.07 24.25 9.33
C ASN B 279 8.90 25.03 10.33
N PRO B 280 8.61 26.33 10.52
CA PRO B 280 9.41 27.15 11.43
C PRO B 280 9.42 26.67 12.88
N GLU B 281 8.43 25.87 13.27
CA GLU B 281 8.38 25.28 14.62
C GLU B 281 9.39 24.14 14.81
N ALA B 282 9.93 23.59 13.73
CA ALA B 282 10.81 22.42 13.82
C ALA B 282 12.29 22.82 13.87
N ASN B 283 13.10 22.06 14.61
CA ASN B 283 14.57 22.21 14.58
C ASN B 283 15.18 21.72 13.27
N TYR B 284 14.74 20.54 12.82
CA TYR B 284 15.23 19.91 11.60
C TYR B 284 14.09 19.09 10.97
N LYS B 285 14.36 18.58 9.78
CA LYS B 285 13.50 17.68 9.02
C LYS B 285 14.30 16.41 8.71
N ASN B 286 13.62 15.27 8.60
CA ASN B 286 14.36 14.06 8.31
C ASN B 286 13.49 13.05 7.62
N VAL B 287 14.11 12.09 6.95
CA VAL B 287 13.44 10.87 6.47
C VAL B 287 14.29 9.67 6.89
N VAL B 288 13.67 8.66 7.47
CA VAL B 288 14.37 7.44 7.84
C VAL B 288 14.06 6.35 6.81
N ILE B 289 15.12 5.69 6.36
CA ILE B 289 15.02 4.59 5.40
C ILE B 289 15.37 3.28 6.11
N PHE B 290 14.47 2.30 6.02
CA PHE B 290 14.62 1.05 6.77
C PHE B 290 13.85 -0.06 6.05
N GLY B 291 13.73 -1.23 6.67
CA GLY B 291 12.99 -2.33 6.06
C GLY B 291 13.52 -2.68 4.69
N ASN B 292 12.63 -2.96 3.74
CA ASN B 292 13.05 -3.14 2.37
C ASN B 292 13.09 -1.76 1.67
N ARG B 293 14.05 -0.95 2.10
CA ARG B 293 14.15 0.49 1.77
C ARG B 293 12.80 1.25 1.69
N GLN B 294 11.96 1.00 2.70
CA GLN B 294 10.77 1.77 2.88
C GLN B 294 11.16 3.04 3.61
N ALA B 295 10.26 4.00 3.59
CA ALA B 295 10.55 5.30 4.22
C ALA B 295 9.49 5.61 5.24
N ASP B 296 9.93 6.15 6.37
CA ASP B 296 9.00 6.55 7.42
C ASP B 296 8.36 7.86 6.99
N ARG B 297 7.03 7.86 7.02
CA ARG B 297 6.26 9.10 6.77
C ARG B 297 6.21 9.99 8.02
N SER B 298 6.45 9.39 9.19
CA SER B 298 6.53 10.09 10.46
C SER B 298 7.98 10.60 10.64
N PRO B 299 8.19 11.48 11.64
CA PRO B 299 9.56 11.89 11.93
C PRO B 299 10.43 10.78 12.51
N CYS B 300 9.81 9.67 12.94
CA CYS B 300 10.53 8.49 13.48
C CYS B 300 11.00 8.69 14.92
N GLY B 301 10.35 7.99 15.84
CA GLY B 301 10.62 8.23 17.26
C GLY B 301 11.96 7.75 17.72
N THR B 302 12.38 6.55 17.29
CA THR B 302 13.72 6.06 17.64
C THR B 302 14.81 6.87 16.98
N GLY B 303 14.54 7.32 15.77
CA GLY B 303 15.48 8.18 15.00
C GLY B 303 15.63 9.56 15.68
N THR B 304 14.52 10.07 16.19
CA THR B 304 14.54 11.33 16.99
C THR B 304 15.33 11.12 18.28
N SER B 305 15.09 10.00 18.95
CA SER B 305 15.88 9.67 20.14
C SER B 305 17.37 9.60 19.86
N ALA B 306 17.73 8.99 18.73
CA ALA B 306 19.14 8.86 18.35
C ALA B 306 19.73 10.22 17.99
N LYS B 307 18.93 11.04 17.30
CA LYS B 307 19.37 12.40 16.94
C LYS B 307 19.57 13.24 18.22
N MET B 308 18.62 13.14 19.15
CA MET B 308 18.75 13.87 20.44
C MET B 308 19.95 13.40 21.28
N ALA B 309 20.16 12.08 21.36
CA ALA B 309 21.37 11.55 22.01
C ALA B 309 22.68 12.11 21.40
N THR B 310 22.69 12.23 20.08
CA THR B 310 23.87 12.70 19.34
C THR B 310 24.08 14.20 19.62
N LEU B 311 23.02 14.98 19.48
CA LEU B 311 23.09 16.42 19.79
C LEU B 311 23.51 16.67 21.23
N TYR B 312 22.96 15.88 22.16
CA TYR B 312 23.29 16.03 23.55
C TYR B 312 24.77 15.77 23.82
N ALA B 313 25.29 14.67 23.25
CA ALA B 313 26.68 14.28 23.43
C ALA B 313 27.59 15.42 22.98
N LYS B 314 27.15 16.16 21.98
CA LYS B 314 27.90 17.26 21.41
C LYS B 314 27.60 18.60 22.08
N GLY B 315 26.83 18.60 23.16
CA GLY B 315 26.51 19.82 23.90
C GLY B 315 25.50 20.73 23.23
N GLN B 316 24.75 20.21 22.25
CA GLN B 316 23.88 21.03 21.39
C GLN B 316 22.40 21.00 21.82
N LEU B 317 22.13 20.28 22.88
CA LEU B 317 20.78 20.15 23.37
C LEU B 317 20.89 19.90 24.85
N ARG B 318 20.12 20.67 25.63
CA ARG B 318 20.11 20.56 27.07
C ARG B 318 19.05 19.59 27.48
N ILE B 319 19.26 18.96 28.63
CA ILE B 319 18.21 18.20 29.29
C ILE B 319 16.97 19.08 29.49
N GLY B 320 15.81 18.54 29.15
CA GLY B 320 14.56 19.25 29.29
C GLY B 320 14.18 20.23 28.19
N GLU B 321 15.10 20.49 27.27
CA GLU B 321 14.83 21.39 26.18
C GLU B 321 13.96 20.66 25.14
N THR B 322 12.95 21.34 24.61
CA THR B 322 12.08 20.70 23.62
C THR B 322 12.76 20.72 22.25
N PHE B 323 12.82 19.53 21.63
CA PHE B 323 13.37 19.35 20.30
C PHE B 323 12.20 18.93 19.38
N VAL B 324 12.09 19.53 18.21
CA VAL B 324 10.95 19.28 17.33
C VAL B 324 11.47 18.78 15.99
N TYR B 325 11.05 17.59 15.57
CA TYR B 325 11.56 17.00 14.37
C TYR B 325 10.40 16.88 13.36
N GLU B 326 10.65 17.32 12.14
CA GLU B 326 9.68 17.31 11.05
C GLU B 326 9.95 16.16 10.07
N SER B 327 8.88 15.60 9.52
CA SER B 327 8.99 14.53 8.53
C SER B 327 8.88 15.02 7.09
N ILE B 328 9.03 14.09 6.14
CA ILE B 328 8.86 14.45 4.74
C ILE B 328 7.44 14.94 4.44
N LEU B 329 6.48 14.57 5.30
CA LEU B 329 5.06 14.93 5.12
C LEU B 329 4.70 16.28 5.79
N GLY B 330 5.64 16.83 6.54
CA GLY B 330 5.35 18.00 7.36
C GLY B 330 4.90 17.65 8.76
N SER B 331 4.80 16.36 9.09
CA SER B 331 4.40 15.95 10.45
C SER B 331 5.48 16.29 11.47
N LEU B 332 5.06 16.57 12.70
CA LEU B 332 5.97 16.88 13.80
C LEU B 332 5.94 15.88 14.93
N PHE B 333 7.11 15.57 15.48
CA PHE B 333 7.20 14.95 16.80
C PHE B 333 7.95 15.91 17.72
N GLN B 334 7.62 15.86 19.00
CA GLN B 334 8.34 16.61 20.03
C GLN B 334 9.10 15.64 20.89
N GLY B 335 10.33 15.99 21.20
CA GLY B 335 11.08 15.16 22.15
C GLY B 335 11.82 16.01 23.17
N ARG B 336 12.16 15.39 24.29
CA ARG B 336 12.99 15.99 25.33
C ARG B 336 13.88 14.92 25.91
N VAL B 337 15.14 15.25 26.11
CA VAL B 337 16.01 14.40 26.93
C VAL B 337 15.68 14.61 28.39
N LEU B 338 15.32 13.53 29.09
CA LEU B 338 14.85 13.57 30.47
C LEU B 338 15.97 13.41 31.49
N GLY B 339 17.08 12.83 31.07
CA GLY B 339 18.16 12.53 31.98
C GLY B 339 19.30 11.87 31.25
N GLU B 340 20.41 11.74 31.97
CA GLU B 340 21.62 11.12 31.45
C GLU B 340 22.17 10.23 32.55
N GLU B 341 23.08 9.35 32.17
CA GLU B 341 23.67 8.41 33.10
C GLU B 341 24.96 7.90 32.46
N ARG B 342 25.98 7.67 33.29
CA ARG B 342 27.22 7.07 32.83
C ARG B 342 27.17 5.63 33.29
N ILE B 343 27.67 4.72 32.47
CA ILE B 343 27.67 3.30 32.85
C ILE B 343 29.13 2.88 33.06
N PRO B 344 29.55 2.79 34.34
CA PRO B 344 30.98 2.54 34.59
C PRO B 344 31.42 1.17 34.08
N GLY B 345 32.60 1.13 33.48
CA GLY B 345 33.18 -0.12 32.98
C GLY B 345 32.60 -0.63 31.67
N VAL B 346 31.82 0.21 30.98
CA VAL B 346 31.20 -0.14 29.69
C VAL B 346 31.49 0.97 28.69
N LYS B 347 32.08 0.60 27.56
CA LYS B 347 32.49 1.59 26.58
C LYS B 347 31.89 1.25 25.24
N VAL B 348 31.64 2.30 24.47
CA VAL B 348 31.36 2.18 23.03
C VAL B 348 32.47 2.98 22.35
N PRO B 349 32.59 2.89 21.02
CA PRO B 349 33.69 3.57 20.35
C PRO B 349 33.90 5.02 20.70
N VAL B 350 32.82 5.76 20.90
CA VAL B 350 32.94 7.18 21.21
C VAL B 350 33.45 7.40 22.65
N THR B 351 33.39 6.39 23.51
CA THR B 351 33.72 6.55 24.93
C THR B 351 35.26 6.73 25.12
N LYS B 352 35.67 7.81 25.78
CA LYS B 352 37.11 8.12 25.98
C LYS B 352 37.85 7.16 26.92
N ASP B 353 39.14 6.96 26.66
CA ASP B 353 40.02 6.16 27.53
C ASP B 353 39.95 6.62 28.98
N ALA B 354 39.96 7.94 29.16
CA ALA B 354 39.82 8.56 30.48
C ALA B 354 38.44 8.30 31.09
N GLU B 355 37.41 8.28 30.24
CA GLU B 355 36.04 8.02 30.72
C GLU B 355 35.87 6.56 31.17
N GLU B 356 35.57 6.38 32.45
CA GLU B 356 35.28 5.06 33.05
C GLU B 356 34.10 4.31 32.41
N GLY B 357 33.19 5.08 31.79
CA GLY B 357 31.91 4.52 31.31
C GLY B 357 31.18 5.33 30.24
N MET B 358 30.39 4.63 29.44
CA MET B 358 29.64 5.27 28.37
C MET B 358 28.51 6.14 28.90
N LEU B 359 28.23 7.18 28.15
CA LEU B 359 27.11 8.09 28.37
C LEU B 359 25.87 7.55 27.64
N VAL B 360 24.76 7.42 28.36
CA VAL B 360 23.46 7.15 27.75
C VAL B 360 22.52 8.27 28.17
N VAL B 361 21.44 8.45 27.40
CA VAL B 361 20.36 9.36 27.80
C VAL B 361 19.00 8.68 27.70
N THR B 362 18.05 9.16 28.50
CA THR B 362 16.66 8.72 28.40
C THR B 362 15.86 9.85 27.76
N ALA B 363 15.26 9.56 26.60
CA ALA B 363 14.50 10.55 25.84
C ALA B 363 13.01 10.19 25.79
N GLU B 364 12.18 11.23 25.77
CA GLU B 364 10.74 11.12 25.65
C GLU B 364 10.37 11.68 24.29
N ILE B 365 9.47 10.96 23.60
CA ILE B 365 8.97 11.35 22.29
C ILE B 365 7.44 11.42 22.36
N THR B 366 6.90 12.47 21.80
CA THR B 366 5.47 12.73 21.78
C THR B 366 4.96 12.92 20.34
N GLY B 367 3.83 12.26 20.05
CA GLY B 367 3.15 12.35 18.77
C GLY B 367 1.69 11.95 18.91
N LYS B 368 0.95 11.93 17.79
CA LYS B 368 -0.48 11.63 17.83
C LYS B 368 -0.83 10.54 16.82
N ALA B 369 -1.56 9.54 17.27
CA ALA B 369 -2.00 8.46 16.41
C ALA B 369 -3.53 8.44 16.31
N PHE B 370 -3.99 7.98 15.15
CA PHE B 370 -5.39 7.86 14.87
C PHE B 370 -5.71 6.41 14.53
N ILE B 371 -6.90 5.94 14.94
CA ILE B 371 -7.39 4.67 14.46
C ILE B 371 -7.91 4.92 13.04
N MET B 372 -7.43 4.15 12.06
CA MET B 372 -7.95 4.22 10.71
C MET B 372 -8.77 3.03 10.26
N GLY B 373 -8.79 1.96 11.05
CA GLY B 373 -9.52 0.78 10.63
C GLY B 373 -9.55 -0.27 11.71
N PHE B 374 -10.68 -0.98 11.78
CA PHE B 374 -10.73 -2.21 12.54
C PHE B 374 -10.85 -3.32 11.54
N ASN B 375 -9.84 -4.17 11.45
CA ASN B 375 -9.69 -5.06 10.31
C ASN B 375 -9.63 -6.51 10.78
N THR B 376 -10.27 -7.39 10.02
CA THR B 376 -10.12 -8.81 10.21
C THR B 376 -9.52 -9.36 8.95
N MET B 377 -8.27 -9.76 9.05
CA MET B 377 -7.51 -10.19 7.88
CA MET B 377 -7.47 -10.21 7.93
C MET B 377 -7.68 -11.70 7.70
N LEU B 378 -7.88 -12.11 6.44
CA LEU B 378 -8.22 -13.50 6.12
C LEU B 378 -7.20 -14.13 5.20
N PHE B 379 -6.92 -15.41 5.44
CA PHE B 379 -5.93 -16.13 4.67
C PHE B 379 -6.50 -17.49 4.24
N ASP B 380 -7.02 -17.56 3.03
CA ASP B 380 -7.51 -18.81 2.43
C ASP B 380 -6.30 -19.69 2.12
N PRO B 381 -6.31 -20.95 2.58
CA PRO B 381 -5.14 -21.79 2.33
C PRO B 381 -4.82 -22.06 0.84
N THR B 382 -5.76 -21.76 -0.04
CA THR B 382 -5.54 -21.91 -1.50
C THR B 382 -5.21 -20.60 -2.19
N ASP B 383 -5.12 -19.52 -1.41
CA ASP B 383 -4.71 -18.22 -1.96
C ASP B 383 -3.22 -18.24 -2.23
N PRO B 384 -2.81 -18.09 -3.49
CA PRO B 384 -1.39 -18.04 -3.88
C PRO B 384 -0.62 -16.85 -3.31
N PHE B 385 -1.33 -15.81 -2.88
CA PHE B 385 -0.72 -14.66 -2.23
C PHE B 385 -1.14 -14.57 -0.77
N LYS B 386 -1.39 -15.72 -0.15
CA LYS B 386 -1.57 -15.77 1.30
C LYS B 386 -0.38 -15.26 2.09
N ASN B 387 0.84 -15.30 1.52
CA ASN B 387 2.02 -14.73 2.16
C ASN B 387 2.55 -13.47 1.49
N GLY B 388 1.68 -12.83 0.71
CA GLY B 388 1.99 -11.52 0.13
C GLY B 388 2.97 -11.61 -0.99
N PHE B 389 3.29 -10.43 -1.53
CA PHE B 389 4.33 -10.23 -2.55
C PHE B 389 4.78 -8.79 -2.53
N THR B 390 5.92 -8.53 -3.16
CA THR B 390 6.31 -7.16 -3.50
C THR B 390 6.81 -7.13 -4.93
N LEU B 391 6.62 -5.97 -5.55
CA LEU B 391 7.16 -5.71 -6.87
C LEU B 391 8.43 -4.84 -6.76
N LYS B 392 8.89 -4.54 -5.54
CA LYS B 392 10.10 -3.72 -5.40
C LYS B 392 11.31 -4.58 -5.71
N GLN B 393 12.23 -4.06 -6.52
CA GLN B 393 13.41 -4.79 -6.92
C GLN B 393 14.52 -4.55 -5.90
N TYR B 394 15.36 -5.55 -5.65
CA TYR B 394 16.48 -5.35 -4.78
C TYR B 394 17.58 -4.59 -5.53
N ILE B 395 18.37 -3.85 -4.78
CA ILE B 395 19.50 -3.12 -5.35
C ILE B 395 20.75 -3.39 -4.51
N TRP B 396 21.89 -3.22 -5.15
CA TRP B 396 23.17 -3.47 -4.51
C TRP B 396 24.28 -2.84 -5.35
N SER B 397 25.36 -2.42 -4.68
CA SER B 397 26.55 -1.89 -5.34
C SER B 397 27.33 -3.00 -6.09
N SER B 398 28.01 -2.62 -7.17
CA SER B 398 28.77 -3.59 -7.96
C SER B 398 30.27 -3.53 -7.64
C4 SHF C . -8.66 -2.21 -13.90
C5 SHF C . -10.10 -2.07 -13.47
C3 SHF C . -8.35 -2.33 -15.37
C2 SHF C . -8.05 -3.81 -15.62
C1 SHF C . -9.29 -4.68 -15.51
O4 SHF C . -7.75 -2.28 -13.07
O1 SHF C . -9.28 -5.69 -14.75
OH1 SHF C . -10.31 -4.38 -16.20
C4 SHF D . 10.42 2.98 12.62
C5 SHF D . 10.09 1.95 13.66
C3 SHF D . 11.56 3.93 12.90
C2 SHF D . 10.92 5.27 13.29
C1 SHF D . 10.32 5.25 14.68
O4 SHF D . 9.78 3.11 11.58
O1 SHF D . 9.20 5.80 14.80
OH1 SHF D . 11.00 4.73 15.58
#